data_9K0O
#
_entry.id   9K0O
#
_cell.length_a   1.00
_cell.length_b   1.00
_cell.length_c   1.00
_cell.angle_alpha   90.00
_cell.angle_beta   90.00
_cell.angle_gamma   90.00
#
_symmetry.space_group_name_H-M   'P 1'
#
loop_
_entity.id
_entity.type
_entity.pdbx_description
1 polymer 'Fragment antigen binding heavy chain'
2 polymer 'Fragment antigen binding light chain'
3 polymer 'Sodium- and chloride-dependent taurine transporter'
4 non-polymer 'CHLORIDE ION'
5 non-polymer 'GUANIDINO ACETATE'
#
loop_
_entity_poly.entity_id
_entity_poly.type
_entity_poly.pdbx_seq_one_letter_code
_entity_poly.pdbx_strand_id
1 'polypeptide(L)'
;EVQLVESGGGLVKPGGSLKLSCAASGFTFSSYAMSWVRQSPEKRLEWVAEISSGGRYIYYSDTVTGRFTISRDNARNILH
LEMSSLRSEDTAMYYCARGEVRQRGFDYWGQGTTLTVS
;
H
2 'polypeptide(L)'
;ENVLTQSPAIMSTSPGEKVTMTCRASSSVGSSYLHWYQQKSGASPKLWIYSTSNLASGVPARFSGSGSGTSYSLTISSVE
AEDAATYYCQQFSGYPLTFGSGTKLEMGSDEVDAGSHHHHHHHHHHGSVEDYKDDDDK
;
L
3 'polypeptide(L)'
;MATKEKLQCLKDFHKDILKPSPGKSPGTRPEDEAEGKPPQREKWSSKIDFVLSVAGGFVGLGNVWRFPYLCYKNGGGAFL
IPYFIFLFGSGLPVFFLEIIIGQYTSEGGITCWEKICPLFSGIGYASVVIVSLLNVYYIVILAWATYYLFQSFQKELPWA
HCNHSWNTPHCMEDTMRKNKSVWITISSTNFTSPVIEFWERNVLSLSPGIDHPGSLKWDLALCLLLVWLVCFFCIWKGVR
STGKVVYFTATFPFAMLLVLLVRGLTLPGAGAGIKFYLYPDITRLEDPQVWIDAGTQIFFSYAICLGAMTSLGSYNKYHN
NVYRDCMLLGCLNSGTSFVSGFAIFSILGFMAQEQGVDIADVAESGPGLAFIAYPKAVTMMPLPTFWSILFFIMLLLLGL
DSQFVEVEGQITSLVDLYPSFLRKGYRREIFIAFVCSISYLLGLTMVTEGGMYVFQLFDYYAASGVCLLWVAFFECFVIA
WIYGGNRFSEDIRDMIGFPPGPWMKYSWAVITPVLCVGCFIFSLVKYVPLTYNKTYVYPNWAIGLGWSLALSSMLCVPLV
IVIRLCQTEGPFLVRVKYLLTPREPNRWAVEREGATPYNSRTVMNGALVKPTHIIVETMMGSDEVDAGSHHHHHHHHHHG
SVEDYKDDDDK
;
A
#
# COMPACT_ATOMS: atom_id res chain seq x y z
N GLU A 1 -20.82 4.12 -24.48
CA GLU A 1 -21.27 2.85 -25.12
C GLU A 1 -22.71 2.95 -25.56
N VAL A 2 -22.95 2.76 -26.87
CA VAL A 2 -24.28 2.90 -27.44
C VAL A 2 -24.66 1.64 -28.20
N GLN A 3 -23.84 1.24 -29.16
CA GLN A 3 -24.21 0.21 -30.13
C GLN A 3 -23.23 -0.96 -30.08
N LEU A 4 -23.78 -2.17 -30.04
CA LEU A 4 -23.05 -3.40 -30.29
C LEU A 4 -23.86 -4.23 -31.26
N VAL A 5 -23.26 -4.59 -32.40
CA VAL A 5 -23.97 -5.26 -33.48
C VAL A 5 -23.18 -6.49 -33.88
N GLU A 6 -23.83 -7.65 -33.88
CA GLU A 6 -23.22 -8.90 -34.33
C GLU A 6 -23.55 -9.15 -35.79
N SER A 7 -22.70 -9.94 -36.44
CA SER A 7 -22.88 -10.28 -37.84
C SER A 7 -22.10 -11.55 -38.15
N GLY A 8 -22.41 -12.15 -39.30
CA GLY A 8 -21.74 -13.34 -39.76
C GLY A 8 -22.48 -14.64 -39.51
N GLY A 9 -23.64 -14.59 -38.86
CA GLY A 9 -24.39 -15.81 -38.61
C GLY A 9 -24.95 -16.42 -39.88
N GLY A 10 -25.18 -17.72 -39.84
CA GLY A 10 -25.69 -18.43 -41.00
C GLY A 10 -25.87 -19.89 -40.71
N LEU A 11 -26.09 -20.66 -41.78
CA LEU A 11 -26.33 -22.10 -41.69
C LEU A 11 -25.07 -22.84 -42.12
N VAL A 12 -24.67 -23.82 -41.32
CA VAL A 12 -23.52 -24.67 -41.61
C VAL A 12 -23.92 -26.13 -41.36
N LYS A 13 -22.96 -27.03 -41.52
CA LYS A 13 -23.14 -28.45 -41.32
C LYS A 13 -22.21 -28.94 -40.21
N PRO A 14 -22.50 -30.09 -39.61
CA PRO A 14 -21.62 -30.60 -38.54
C PRO A 14 -20.19 -30.76 -39.03
N GLY A 15 -19.25 -30.39 -38.17
CA GLY A 15 -17.84 -30.43 -38.50
C GLY A 15 -17.35 -29.25 -39.30
N GLY A 16 -18.20 -28.28 -39.62
CA GLY A 16 -17.81 -27.13 -40.38
C GLY A 16 -17.18 -26.06 -39.50
N SER A 17 -16.93 -24.91 -40.12
CA SER A 17 -16.32 -23.77 -39.44
C SER A 17 -17.02 -22.48 -39.86
N LEU A 18 -17.02 -21.51 -38.96
CA LEU A 18 -17.62 -20.21 -39.22
C LEU A 18 -16.89 -19.16 -38.41
N LYS A 19 -16.97 -17.92 -38.89
CA LYS A 19 -16.34 -16.78 -38.24
C LYS A 19 -17.41 -15.75 -37.91
N LEU A 20 -17.63 -15.51 -36.63
CA LEU A 20 -18.59 -14.53 -36.16
C LEU A 20 -17.89 -13.21 -35.86
N SER A 21 -18.60 -12.11 -36.09
CA SER A 21 -18.06 -10.78 -35.91
C SER A 21 -19.04 -9.93 -35.10
N CYS A 22 -18.51 -8.95 -34.37
CA CYS A 22 -19.32 -8.04 -33.59
C CYS A 22 -18.67 -6.67 -33.62
N ALA A 23 -19.27 -5.74 -34.35
CA ALA A 23 -18.76 -4.38 -34.44
C ALA A 23 -19.20 -3.58 -33.22
N ALA A 24 -18.31 -2.71 -32.73
CA ALA A 24 -18.56 -1.88 -31.57
C ALA A 24 -18.41 -0.42 -31.95
N SER A 25 -19.22 0.43 -31.31
CA SER A 25 -19.21 1.86 -31.57
C SER A 25 -19.74 2.58 -30.34
N GLY A 26 -19.45 3.89 -30.28
CA GLY A 26 -19.90 4.71 -29.19
C GLY A 26 -18.99 4.72 -27.97
N PHE A 27 -17.90 3.96 -28.00
CA PHE A 27 -16.98 3.92 -26.87
C PHE A 27 -15.63 3.45 -27.35
N THR A 28 -14.62 3.65 -26.51
CA THR A 28 -13.26 3.23 -26.82
C THR A 28 -13.17 1.71 -26.69
N PHE A 29 -13.25 1.02 -27.84
CA PHE A 29 -13.29 -0.44 -27.81
C PHE A 29 -12.03 -1.03 -27.20
N SER A 30 -10.89 -0.35 -27.32
CA SER A 30 -9.63 -0.91 -26.88
C SER A 30 -9.54 -1.03 -25.37
N SER A 31 -10.27 -0.20 -24.63
CA SER A 31 -10.14 -0.12 -23.18
C SER A 31 -11.17 -0.95 -22.43
N TYR A 32 -12.00 -1.72 -23.13
CA TYR A 32 -13.03 -2.52 -22.50
C TYR A 32 -12.90 -3.97 -22.93
N ALA A 33 -12.94 -4.88 -21.96
CA ALA A 33 -12.94 -6.31 -22.27
C ALA A 33 -14.27 -6.71 -22.91
N MET A 34 -14.21 -7.74 -23.75
CA MET A 34 -15.37 -8.23 -24.48
C MET A 34 -15.57 -9.71 -24.21
N SER A 35 -16.83 -10.13 -24.17
CA SER A 35 -17.18 -11.52 -23.91
C SER A 35 -18.28 -11.95 -24.87
N TRP A 36 -18.32 -13.26 -25.14
CA TRP A 36 -19.34 -13.86 -25.99
C TRP A 36 -20.25 -14.73 -25.13
N VAL A 37 -21.55 -14.53 -25.26
CA VAL A 37 -22.55 -15.33 -24.56
C VAL A 37 -23.43 -16.02 -25.58
N ARG A 38 -23.89 -17.23 -25.23
CA ARG A 38 -24.64 -18.08 -26.13
C ARG A 38 -25.99 -18.41 -25.51
N GLN A 39 -27.05 -18.29 -26.31
CA GLN A 39 -28.40 -18.61 -25.88
C GLN A 39 -28.94 -19.73 -26.78
N SER A 40 -29.10 -20.91 -26.20
CA SER A 40 -29.61 -22.05 -26.96
C SER A 40 -31.10 -21.87 -27.23
N PRO A 41 -31.65 -22.63 -28.19
CA PRO A 41 -33.09 -22.50 -28.49
C PRO A 41 -33.98 -22.71 -27.28
N GLU A 42 -33.50 -23.38 -26.25
CA GLU A 42 -34.26 -23.58 -25.01
C GLU A 42 -34.23 -22.35 -24.11
N LYS A 43 -33.67 -21.23 -24.57
CA LYS A 43 -33.59 -19.99 -23.82
C LYS A 43 -32.54 -20.03 -22.71
N ARG A 44 -31.70 -21.07 -22.67
CA ARG A 44 -30.68 -21.18 -21.65
C ARG A 44 -29.44 -20.41 -22.06
N LEU A 45 -28.95 -19.55 -21.17
CA LEU A 45 -27.78 -18.73 -21.45
C LEU A 45 -26.52 -19.51 -21.08
N GLU A 46 -25.52 -19.47 -21.96
CA GLU A 46 -24.26 -20.16 -21.75
C GLU A 46 -23.11 -19.26 -22.16
N TRP A 47 -22.10 -19.15 -21.31
CA TRP A 47 -20.93 -18.34 -21.62
C TRP A 47 -19.98 -19.12 -22.52
N VAL A 48 -19.38 -18.42 -23.48
CA VAL A 48 -18.51 -19.02 -24.48
C VAL A 48 -17.05 -18.68 -24.22
N ALA A 49 -16.69 -17.40 -24.26
CA ALA A 49 -15.32 -16.98 -24.07
C ALA A 49 -15.30 -15.48 -23.82
N GLU A 50 -14.19 -15.01 -23.25
CA GLU A 50 -13.98 -13.59 -23.01
C GLU A 50 -12.55 -13.23 -23.40
N ILE A 51 -12.36 -12.02 -23.91
CA ILE A 51 -11.05 -11.52 -24.31
C ILE A 51 -10.81 -10.21 -23.56
N SER A 52 -9.63 -10.10 -22.95
CA SER A 52 -9.28 -8.90 -22.22
C SER A 52 -9.21 -7.70 -23.17
N SER A 53 -9.07 -6.52 -22.56
CA SER A 53 -9.03 -5.28 -23.36
C SER A 53 -7.94 -5.34 -24.41
N GLY A 54 -6.73 -5.74 -24.01
CA GLY A 54 -5.62 -5.85 -24.94
C GLY A 54 -5.45 -7.20 -25.60
N GLY A 55 -6.26 -8.18 -25.23
CA GLY A 55 -6.15 -9.50 -25.80
C GLY A 55 -5.05 -10.36 -25.24
N ARG A 56 -4.34 -9.91 -24.21
CA ARG A 56 -3.26 -10.71 -23.63
C ARG A 56 -3.81 -11.88 -22.83
N TYR A 57 -4.93 -11.68 -22.13
CA TYR A 57 -5.61 -12.74 -21.40
C TYR A 57 -6.87 -13.14 -22.17
N ILE A 58 -6.98 -14.42 -22.49
CA ILE A 58 -8.12 -14.99 -23.20
C ILE A 58 -8.55 -16.25 -22.47
N TYR A 59 -9.85 -16.42 -22.29
CA TYR A 59 -10.38 -17.57 -21.57
C TYR A 59 -11.57 -18.13 -22.33
N TYR A 60 -11.79 -19.44 -22.16
CA TYR A 60 -12.81 -20.16 -22.90
C TYR A 60 -13.64 -21.02 -21.95
N SER A 61 -14.87 -21.33 -22.38
CA SER A 61 -15.71 -22.25 -21.64
C SER A 61 -15.23 -23.68 -21.83
N ASP A 62 -15.61 -24.54 -20.88
CA ASP A 62 -15.18 -25.93 -20.92
C ASP A 62 -15.65 -26.63 -22.19
N THR A 63 -16.82 -26.26 -22.70
CA THR A 63 -17.37 -26.89 -23.89
C THR A 63 -16.66 -26.46 -25.16
N VAL A 64 -16.00 -25.30 -25.17
CA VAL A 64 -15.37 -24.77 -26.38
C VAL A 64 -13.93 -24.38 -26.10
N THR A 65 -13.33 -25.00 -25.09
CA THR A 65 -11.95 -24.65 -24.73
C THR A 65 -11.00 -24.93 -25.88
N GLY A 66 -11.16 -26.08 -26.54
CA GLY A 66 -10.30 -26.45 -27.65
C GLY A 66 -10.92 -26.39 -29.02
N ARG A 67 -12.05 -25.69 -29.19
CA ARG A 67 -12.76 -25.68 -30.46
C ARG A 67 -13.00 -24.27 -30.97
N PHE A 68 -13.17 -23.31 -30.06
CA PHE A 68 -13.45 -21.92 -30.42
C PHE A 68 -12.24 -21.04 -30.11
N THR A 69 -12.01 -20.06 -30.97
CA THR A 69 -10.94 -19.08 -30.80
C THR A 69 -11.55 -17.69 -30.84
N ILE A 70 -11.23 -16.88 -29.82
CA ILE A 70 -11.75 -15.53 -29.67
C ILE A 70 -10.62 -14.55 -30.00
N SER A 71 -10.92 -13.55 -30.81
CA SER A 71 -9.95 -12.54 -31.19
C SER A 71 -10.66 -11.21 -31.37
N ARG A 72 -9.88 -10.13 -31.31
CA ARG A 72 -10.41 -8.78 -31.43
C ARG A 72 -9.48 -7.95 -32.30
N ASP A 73 -10.04 -6.90 -32.89
CA ASP A 73 -9.31 -5.94 -33.71
C ASP A 73 -9.54 -4.55 -33.11
N ASN A 74 -8.63 -4.14 -32.23
CA ASN A 74 -8.78 -2.85 -31.55
C ASN A 74 -8.78 -1.70 -32.57
N ALA A 75 -7.91 -1.77 -33.58
CA ALA A 75 -7.85 -0.71 -34.58
C ALA A 75 -9.18 -0.58 -35.31
N ARG A 76 -9.79 -1.71 -35.67
CA ARG A 76 -11.07 -1.71 -36.36
C ARG A 76 -12.26 -1.72 -35.40
N ASN A 77 -12.02 -1.86 -34.10
CA ASN A 77 -13.08 -1.87 -33.10
C ASN A 77 -14.12 -2.95 -33.42
N ILE A 78 -13.63 -4.14 -33.75
CA ILE A 78 -14.47 -5.28 -34.11
C ILE A 78 -14.03 -6.48 -33.30
N LEU A 79 -14.99 -7.27 -32.83
CA LEU A 79 -14.74 -8.48 -32.06
C LEU A 79 -15.06 -9.69 -32.92
N HIS A 80 -14.16 -10.68 -32.90
CA HIS A 80 -14.28 -11.87 -33.73
C HIS A 80 -14.35 -13.12 -32.87
N LEU A 81 -15.15 -14.08 -33.33
CA LEU A 81 -15.22 -15.41 -32.72
C LEU A 81 -15.17 -16.44 -33.84
N GLU A 82 -14.26 -17.40 -33.72
CA GLU A 82 -14.03 -18.41 -34.75
C GLU A 82 -14.40 -19.78 -34.22
N MET A 83 -15.18 -20.52 -35.01
CA MET A 83 -15.55 -21.89 -34.70
C MET A 83 -14.93 -22.82 -35.73
N SER A 84 -14.27 -23.88 -35.25
CA SER A 84 -13.56 -24.82 -36.12
C SER A 84 -14.17 -26.20 -36.17
N SER A 85 -14.83 -26.64 -35.10
CA SER A 85 -15.40 -27.98 -35.00
C SER A 85 -16.84 -27.91 -34.49
N LEU A 86 -17.63 -27.05 -35.12
CA LEU A 86 -19.02 -26.85 -34.69
C LEU A 86 -19.75 -28.18 -34.63
N ARG A 87 -20.42 -28.43 -33.51
CA ARG A 87 -21.12 -29.67 -33.26
C ARG A 87 -22.62 -29.48 -33.41
N SER A 88 -23.38 -30.57 -33.24
CA SER A 88 -24.82 -30.50 -33.38
C SER A 88 -25.46 -29.68 -32.28
N GLU A 89 -24.84 -29.62 -31.11
CA GLU A 89 -25.37 -28.85 -29.98
C GLU A 89 -24.90 -27.41 -29.97
N ASP A 90 -24.14 -26.98 -30.98
CA ASP A 90 -23.61 -25.63 -31.01
C ASP A 90 -24.59 -24.62 -31.59
N THR A 91 -25.72 -25.06 -32.13
CA THR A 91 -26.71 -24.12 -32.64
C THR A 91 -27.28 -23.28 -31.51
N ALA A 92 -27.21 -21.95 -31.68
CA ALA A 92 -27.68 -21.03 -30.67
C ALA A 92 -27.50 -19.61 -31.21
N MET A 93 -28.01 -18.64 -30.45
CA MET A 93 -27.85 -17.22 -30.75
C MET A 93 -26.70 -16.68 -29.91
N TYR A 94 -25.78 -15.97 -30.57
CA TYR A 94 -24.55 -15.49 -29.95
C TYR A 94 -24.64 -13.99 -29.72
N TYR A 95 -24.33 -13.56 -28.50
CA TYR A 95 -24.34 -12.16 -28.13
C TYR A 95 -22.94 -11.76 -27.68
N CYS A 96 -22.47 -10.60 -28.15
CA CYS A 96 -21.20 -10.04 -27.71
C CYS A 96 -21.49 -8.99 -26.64
N ALA A 97 -20.87 -9.16 -25.47
CA ALA A 97 -21.14 -8.33 -24.31
C ALA A 97 -19.84 -7.72 -23.79
N ARG A 98 -19.97 -6.52 -23.22
CA ARG A 98 -18.83 -5.82 -22.64
C ARG A 98 -18.71 -6.19 -21.17
N GLY A 99 -17.55 -6.71 -20.78
CA GLY A 99 -17.35 -7.19 -19.43
C GLY A 99 -16.11 -6.64 -18.77
N GLU A 100 -15.83 -5.35 -18.98
CA GLU A 100 -14.61 -4.76 -18.46
C GLU A 100 -14.51 -4.95 -16.96
N VAL A 101 -15.56 -4.60 -16.23
CA VAL A 101 -15.59 -4.69 -14.77
C VAL A 101 -16.31 -5.97 -14.39
N ARG A 102 -15.61 -6.86 -13.68
CA ARG A 102 -16.22 -8.12 -13.24
C ARG A 102 -17.26 -7.88 -12.17
N GLN A 103 -17.03 -6.89 -11.29
CA GLN A 103 -17.96 -6.61 -10.21
C GLN A 103 -19.23 -5.90 -10.65
N ARG A 104 -19.31 -5.49 -11.93
CA ARG A 104 -20.47 -4.77 -12.43
C ARG A 104 -21.26 -5.55 -13.46
N GLY A 105 -20.70 -6.61 -14.04
CA GLY A 105 -21.41 -7.42 -15.00
C GLY A 105 -21.36 -6.86 -16.41
N PHE A 106 -22.14 -7.49 -17.28
CA PHE A 106 -22.19 -7.12 -18.69
C PHE A 106 -23.07 -5.89 -18.84
N ASP A 107 -22.45 -4.73 -19.04
CA ASP A 107 -23.20 -3.48 -19.10
C ASP A 107 -24.14 -3.45 -20.30
N TYR A 108 -23.65 -3.86 -21.47
CA TYR A 108 -24.41 -3.75 -22.71
C TYR A 108 -24.34 -5.05 -23.48
N TRP A 109 -25.40 -5.31 -24.26
CA TRP A 109 -25.51 -6.50 -25.08
C TRP A 109 -25.86 -6.11 -26.51
N GLY A 110 -25.39 -6.92 -27.47
CA GLY A 110 -25.68 -6.69 -28.86
C GLY A 110 -26.98 -7.32 -29.31
N GLN A 111 -27.33 -7.07 -30.57
CA GLN A 111 -28.56 -7.62 -31.14
C GLN A 111 -28.50 -9.14 -31.20
N GLY A 112 -27.37 -9.69 -31.60
CA GLY A 112 -27.20 -11.14 -31.67
C GLY A 112 -27.50 -11.70 -33.04
N THR A 113 -26.84 -12.81 -33.35
CA THR A 113 -27.02 -13.51 -34.62
C THR A 113 -27.23 -14.99 -34.35
N THR A 114 -28.21 -15.57 -35.05
CA THR A 114 -28.52 -16.99 -34.88
C THR A 114 -27.58 -17.84 -35.71
N LEU A 115 -27.16 -18.97 -35.14
CA LEU A 115 -26.32 -19.94 -35.83
C LEU A 115 -26.98 -21.30 -35.76
N THR A 116 -27.08 -21.98 -36.90
CA THR A 116 -27.66 -23.32 -36.99
C THR A 116 -26.70 -24.23 -37.72
N VAL A 117 -26.69 -25.50 -37.32
CA VAL A 117 -25.76 -26.48 -37.85
C VAL A 117 -26.54 -27.63 -38.47
N SER A 118 -27.72 -27.35 -39.01
CA SER A 118 -28.55 -28.36 -39.64
C SER A 118 -27.80 -29.04 -40.79
N GLU B 1 -17.56 -26.47 -13.06
CA GLU B 1 -18.22 -25.14 -13.20
C GLU B 1 -19.08 -24.85 -11.97
N ASN B 2 -19.14 -23.57 -11.58
CA ASN B 2 -19.92 -23.13 -10.43
C ASN B 2 -21.38 -23.05 -10.88
N VAL B 3 -22.07 -24.19 -10.82
CA VAL B 3 -23.45 -24.24 -11.31
C VAL B 3 -24.34 -23.35 -10.46
N LEU B 4 -25.17 -22.56 -11.12
CA LEU B 4 -26.16 -21.71 -10.47
C LEU B 4 -27.55 -22.26 -10.76
N THR B 5 -28.33 -22.47 -9.70
CA THR B 5 -29.66 -23.05 -9.82
C THR B 5 -30.69 -22.05 -9.30
N GLN B 6 -31.73 -21.81 -10.09
CA GLN B 6 -32.84 -20.94 -9.71
C GLN B 6 -34.09 -21.80 -9.55
N SER B 7 -34.71 -21.71 -8.36
CA SER B 7 -35.82 -22.61 -8.06
C SER B 7 -37.07 -22.26 -8.86
N PRO B 8 -37.64 -21.06 -8.73
CA PRO B 8 -38.92 -20.75 -9.40
C PRO B 8 -38.78 -20.47 -10.89
N ALA B 9 -38.72 -21.53 -11.68
CA ALA B 9 -38.53 -21.39 -13.12
C ALA B 9 -39.68 -20.62 -13.75
N ILE B 10 -40.92 -20.91 -13.33
CA ILE B 10 -42.10 -20.23 -13.85
C ILE B 10 -42.87 -19.66 -12.67
N MET B 11 -43.27 -18.39 -12.79
CA MET B 11 -43.97 -17.70 -11.71
C MET B 11 -45.14 -16.91 -12.32
N SER B 12 -46.34 -17.46 -12.22
CA SER B 12 -47.53 -16.72 -12.59
C SER B 12 -47.78 -15.63 -11.56
N THR B 13 -47.99 -14.40 -12.03
CA THR B 13 -48.10 -13.25 -11.14
C THR B 13 -49.22 -12.34 -11.63
N SER B 14 -49.85 -11.65 -10.67
CA SER B 14 -50.86 -10.65 -10.95
C SER B 14 -50.32 -9.25 -10.65
N PRO B 15 -50.81 -8.22 -11.34
CA PRO B 15 -50.30 -6.87 -11.08
C PRO B 15 -50.44 -6.48 -9.62
N GLY B 16 -49.43 -5.78 -9.11
CA GLY B 16 -49.42 -5.28 -7.75
C GLY B 16 -48.80 -6.22 -6.72
N GLU B 17 -48.98 -7.52 -6.91
CA GLU B 17 -48.43 -8.49 -5.97
C GLU B 17 -46.91 -8.51 -6.03
N LYS B 18 -46.29 -8.61 -4.86
CA LYS B 18 -44.84 -8.69 -4.78
C LYS B 18 -44.36 -10.11 -5.00
N VAL B 19 -43.22 -10.25 -5.67
CA VAL B 19 -42.65 -11.56 -5.97
C VAL B 19 -41.16 -11.54 -5.63
N THR B 20 -40.62 -12.73 -5.44
CA THR B 20 -39.20 -12.91 -5.13
C THR B 20 -38.72 -14.24 -5.70
N MET B 21 -37.55 -14.22 -6.31
CA MET B 21 -36.93 -15.41 -6.89
C MET B 21 -35.57 -15.63 -6.27
N THR B 22 -35.27 -16.87 -5.93
CA THR B 22 -34.03 -17.23 -5.25
C THR B 22 -33.10 -17.97 -6.20
N CYS B 23 -31.84 -17.55 -6.23
CA CYS B 23 -30.81 -18.19 -7.03
C CYS B 23 -29.78 -18.82 -6.11
N ARG B 24 -29.50 -20.11 -6.33
CA ARG B 24 -28.60 -20.88 -5.49
C ARG B 24 -27.34 -21.23 -6.26
N ALA B 25 -26.20 -21.18 -5.59
CA ALA B 25 -24.90 -21.47 -6.18
C ALA B 25 -24.32 -22.74 -5.56
N SER B 26 -23.65 -23.54 -6.39
CA SER B 26 -23.01 -24.77 -5.92
C SER B 26 -21.65 -24.52 -5.30
N SER B 27 -21.16 -23.29 -5.32
CA SER B 27 -19.87 -22.95 -4.73
C SER B 27 -19.94 -21.53 -4.19
N SER B 28 -18.93 -21.17 -3.39
CA SER B 28 -18.89 -19.85 -2.79
C SER B 28 -18.85 -18.78 -3.88
N VAL B 29 -19.69 -17.76 -3.74
CA VAL B 29 -19.75 -16.64 -4.67
C VAL B 29 -19.67 -15.35 -3.87
N GLY B 30 -18.82 -14.43 -4.32
CA GLY B 30 -18.69 -13.16 -3.64
C GLY B 30 -19.92 -12.29 -3.85
N SER B 31 -20.15 -11.39 -2.89
CA SER B 31 -21.30 -10.49 -2.98
C SER B 31 -21.19 -9.58 -4.19
N SER B 32 -20.00 -9.08 -4.49
CA SER B 32 -19.80 -8.15 -5.59
C SER B 32 -19.72 -8.83 -6.94
N TYR B 33 -19.65 -10.17 -6.98
CA TYR B 33 -19.46 -10.90 -8.22
C TYR B 33 -20.73 -11.54 -8.74
N LEU B 34 -21.89 -11.19 -8.19
CA LEU B 34 -23.17 -11.73 -8.64
C LEU B 34 -24.02 -10.61 -9.23
N HIS B 35 -24.64 -10.89 -10.38
CA HIS B 35 -25.45 -9.91 -11.08
C HIS B 35 -26.69 -10.59 -11.64
N TRP B 36 -27.71 -9.77 -11.90
CA TRP B 36 -28.97 -10.23 -12.46
C TRP B 36 -29.23 -9.51 -13.78
N TYR B 37 -29.72 -10.25 -14.77
CA TYR B 37 -29.97 -9.73 -16.10
C TYR B 37 -31.44 -9.96 -16.46
N GLN B 38 -32.07 -8.94 -17.03
CA GLN B 38 -33.45 -9.04 -17.50
C GLN B 38 -33.45 -9.15 -19.01
N GLN B 39 -34.29 -10.06 -19.52
CA GLN B 39 -34.41 -10.30 -20.96
C GLN B 39 -35.88 -10.33 -21.33
N LYS B 40 -36.29 -9.45 -22.20
CA LYS B 40 -37.66 -9.42 -22.55
C LYS B 40 -37.85 -10.30 -23.73
N SER B 41 -39.05 -10.79 -23.96
CA SER B 41 -39.29 -11.76 -25.00
C SER B 41 -38.84 -11.22 -26.35
N GLY B 42 -38.07 -12.02 -27.09
CA GLY B 42 -37.59 -11.60 -28.38
C GLY B 42 -36.57 -10.47 -28.34
N ALA B 43 -35.91 -10.27 -27.21
CA ALA B 43 -34.94 -9.20 -27.06
C ALA B 43 -33.72 -9.73 -26.31
N SER B 44 -32.58 -9.07 -26.51
CA SER B 44 -31.35 -9.48 -25.87
C SER B 44 -31.39 -9.15 -24.37
N PRO B 45 -30.65 -9.87 -23.55
CA PRO B 45 -30.65 -9.58 -22.11
C PRO B 45 -30.06 -8.20 -21.82
N LYS B 46 -30.53 -7.60 -20.73
CA LYS B 46 -30.05 -6.30 -20.27
C LYS B 46 -29.73 -6.40 -18.79
N LEU B 47 -28.62 -5.78 -18.39
CA LEU B 47 -28.21 -5.81 -16.99
C LEU B 47 -29.27 -5.16 -16.11
N TRP B 48 -29.61 -5.82 -15.01
CA TRP B 48 -30.62 -5.34 -14.08
C TRP B 48 -30.05 -4.99 -12.72
N ILE B 49 -29.34 -5.91 -12.08
CA ILE B 49 -28.75 -5.70 -10.75
C ILE B 49 -27.32 -6.22 -10.77
N TYR B 50 -26.42 -5.46 -10.15
CA TYR B 50 -25.03 -5.86 -10.02
C TYR B 50 -24.59 -5.62 -8.58
N SER B 51 -23.56 -6.37 -8.18
CA SER B 51 -23.05 -6.35 -6.80
C SER B 51 -24.09 -6.84 -5.80
N THR B 52 -25.15 -7.48 -6.29
CA THR B 52 -26.18 -8.10 -5.46
C THR B 52 -27.11 -7.07 -4.81
N SER B 53 -26.77 -5.78 -4.91
CA SER B 53 -27.65 -4.76 -4.37
C SER B 53 -27.76 -3.51 -5.24
N ASN B 54 -26.90 -3.31 -6.22
CA ASN B 54 -26.87 -2.06 -6.98
C ASN B 54 -27.74 -2.18 -8.23
N LEU B 55 -28.64 -1.22 -8.41
CA LEU B 55 -29.52 -1.22 -9.56
C LEU B 55 -28.81 -0.62 -10.77
N ALA B 56 -29.09 -1.19 -11.95
CA ALA B 56 -28.54 -0.67 -13.19
C ALA B 56 -29.19 0.69 -13.50
N SER B 57 -28.75 1.28 -14.62
CA SER B 57 -29.21 2.62 -14.96
C SER B 57 -30.71 2.65 -15.25
N GLY B 58 -31.20 1.67 -15.99
CA GLY B 58 -32.58 1.70 -16.46
C GLY B 58 -33.58 1.06 -15.52
N VAL B 59 -33.13 0.19 -14.65
CA VAL B 59 -34.05 -0.51 -13.75
C VAL B 59 -34.63 0.48 -12.74
N PRO B 60 -35.95 0.57 -12.58
CA PRO B 60 -36.49 1.47 -11.56
C PRO B 60 -36.19 0.98 -10.15
N ALA B 61 -36.36 1.88 -9.19
CA ALA B 61 -36.20 1.52 -7.78
C ALA B 61 -37.17 0.43 -7.35
N ARG B 62 -38.13 0.07 -8.21
CA ARG B 62 -39.07 -1.00 -7.88
C ARG B 62 -38.35 -2.29 -7.47
N PHE B 63 -37.21 -2.57 -8.08
CA PHE B 63 -36.48 -3.81 -7.84
C PHE B 63 -35.41 -3.62 -6.77
N SER B 64 -35.06 -4.73 -6.12
CA SER B 64 -34.02 -4.73 -5.10
C SER B 64 -33.40 -6.12 -5.05
N GLY B 65 -32.18 -6.19 -4.52
CA GLY B 65 -31.45 -7.43 -4.44
C GLY B 65 -30.87 -7.66 -3.06
N SER B 66 -30.69 -8.94 -2.73
CA SER B 66 -30.13 -9.32 -1.44
C SER B 66 -29.54 -10.73 -1.57
N GLY B 67 -28.67 -11.06 -0.63
CA GLY B 67 -28.05 -12.37 -0.60
C GLY B 67 -26.54 -12.31 -0.45
N SER B 68 -25.93 -13.43 -0.08
CA SER B 68 -24.48 -13.48 0.09
C SER B 68 -24.06 -14.92 0.34
N GLY B 69 -22.85 -15.24 -0.10
CA GLY B 69 -22.24 -16.54 0.15
C GLY B 69 -22.65 -17.62 -0.84
N THR B 70 -23.85 -18.17 -0.67
CA THR B 70 -24.31 -19.26 -1.54
C THR B 70 -25.77 -19.16 -1.92
N SER B 71 -26.50 -18.12 -1.49
CA SER B 71 -27.91 -17.96 -1.81
C SER B 71 -28.18 -16.50 -2.09
N TYR B 72 -28.79 -16.22 -3.23
CA TYR B 72 -29.07 -14.85 -3.66
C TYR B 72 -30.49 -14.76 -4.19
N SER B 73 -31.07 -13.58 -4.09
CA SER B 73 -32.45 -13.37 -4.54
C SER B 73 -32.68 -11.89 -4.77
N LEU B 74 -33.70 -11.60 -5.57
CA LEU B 74 -34.18 -10.24 -5.78
C LEU B 74 -35.69 -10.22 -5.63
N THR B 75 -36.22 -9.07 -5.21
CA THR B 75 -37.63 -8.92 -4.90
C THR B 75 -38.21 -7.73 -5.64
N ILE B 76 -39.51 -7.82 -5.94
CA ILE B 76 -40.24 -6.75 -6.62
C ILE B 76 -41.33 -6.27 -5.66
N SER B 77 -41.34 -4.97 -5.38
CA SER B 77 -42.31 -4.42 -4.43
C SER B 77 -43.74 -4.60 -4.94
N SER B 78 -43.96 -4.33 -6.22
CA SER B 78 -45.30 -4.46 -6.82
C SER B 78 -45.10 -4.71 -8.31
N VAL B 79 -45.28 -5.97 -8.74
CA VAL B 79 -45.03 -6.33 -10.12
C VAL B 79 -45.95 -5.53 -11.03
N GLU B 80 -45.36 -4.84 -12.01
CA GLU B 80 -46.10 -4.11 -13.01
C GLU B 80 -46.21 -4.93 -14.30
N ALA B 81 -47.03 -4.44 -15.22
CA ALA B 81 -47.20 -5.15 -16.49
C ALA B 81 -45.90 -5.23 -17.26
N GLU B 82 -45.01 -4.25 -17.10
CA GLU B 82 -43.74 -4.24 -17.81
C GLU B 82 -42.69 -5.13 -17.17
N ASP B 83 -42.98 -5.72 -16.01
CA ASP B 83 -42.03 -6.57 -15.31
C ASP B 83 -42.03 -8.01 -15.80
N ALA B 84 -42.88 -8.35 -16.76
CA ALA B 84 -42.95 -9.71 -17.29
C ALA B 84 -41.75 -9.95 -18.18
N ALA B 85 -40.78 -10.71 -17.67
CA ALA B 85 -39.57 -11.02 -18.42
C ALA B 85 -38.83 -12.15 -17.69
N THR B 86 -37.77 -12.64 -18.32
CA THR B 86 -36.95 -13.71 -17.77
C THR B 86 -35.73 -13.10 -17.09
N TYR B 87 -35.48 -13.51 -15.85
CA TYR B 87 -34.37 -12.99 -15.05
C TYR B 87 -33.37 -14.12 -14.79
N TYR B 88 -32.10 -13.86 -15.09
CA TYR B 88 -31.03 -14.84 -14.94
C TYR B 88 -29.99 -14.32 -13.96
N CYS B 89 -29.59 -15.17 -13.03
CA CYS B 89 -28.50 -14.85 -12.11
C CYS B 89 -27.18 -15.39 -12.66
N GLN B 90 -26.14 -14.57 -12.56
CA GLN B 90 -24.83 -14.93 -13.10
C GLN B 90 -23.77 -14.63 -12.05
N GLN B 91 -22.72 -15.45 -12.06
CA GLN B 91 -21.61 -15.34 -11.12
C GLN B 91 -20.34 -14.97 -11.88
N PHE B 92 -19.60 -14.00 -11.34
CA PHE B 92 -18.33 -13.58 -11.93
C PHE B 92 -17.13 -13.96 -11.08
N SER B 93 -17.35 -14.56 -9.91
CA SER B 93 -16.22 -14.93 -9.05
C SER B 93 -15.33 -15.97 -9.73
N GLY B 94 -15.94 -17.08 -10.20
CA GLY B 94 -15.21 -18.04 -10.97
C GLY B 94 -15.28 -17.74 -12.46
N TYR B 95 -14.21 -18.06 -13.17
CA TYR B 95 -14.08 -17.65 -14.56
C TYR B 95 -14.90 -18.54 -15.52
N PRO B 96 -15.11 -19.85 -15.24
CA PRO B 96 -16.07 -20.58 -16.07
C PRO B 96 -17.48 -20.08 -15.80
N LEU B 97 -17.79 -18.92 -16.37
CA LEU B 97 -19.01 -18.21 -16.04
C LEU B 97 -20.23 -19.08 -16.31
N THR B 98 -21.17 -19.06 -15.36
CA THR B 98 -22.40 -19.82 -15.46
C THR B 98 -23.59 -18.90 -15.21
N PHE B 99 -24.63 -19.06 -16.03
CA PHE B 99 -25.86 -18.30 -15.89
C PHE B 99 -26.94 -19.20 -15.29
N GLY B 100 -27.77 -18.62 -14.44
CA GLY B 100 -28.81 -19.38 -13.78
C GLY B 100 -29.82 -19.95 -14.76
N SER B 101 -30.61 -20.90 -14.27
CA SER B 101 -31.62 -21.54 -15.10
C SER B 101 -32.64 -20.55 -15.64
N GLY B 102 -32.78 -19.39 -15.01
CA GLY B 102 -33.69 -18.38 -15.48
C GLY B 102 -35.10 -18.54 -14.95
N THR B 103 -35.67 -17.46 -14.43
CA THR B 103 -37.03 -17.44 -13.92
C THR B 103 -37.86 -16.50 -14.78
N LYS B 104 -38.90 -17.02 -15.41
CA LYS B 104 -39.72 -16.27 -16.34
C LYS B 104 -41.03 -15.87 -15.67
N LEU B 105 -41.29 -14.56 -15.59
CA LEU B 105 -42.55 -14.05 -15.08
C LEU B 105 -43.55 -14.01 -16.23
N GLU B 106 -44.58 -14.84 -16.15
CA GLU B 106 -45.54 -14.99 -17.24
C GLU B 106 -46.71 -14.01 -17.15
N MET B 107 -46.72 -13.13 -16.16
CA MET B 107 -47.81 -12.16 -16.03
C MET B 107 -47.45 -11.09 -15.01
N ALA C 55 -3.37 -5.14 9.48
CA ALA C 55 -2.00 -5.65 9.68
C ALA C 55 -1.19 -4.69 10.55
N GLY C 56 -0.47 -5.21 11.56
CA GLY C 56 0.20 -4.40 12.58
C GLY C 56 1.31 -3.49 12.05
N GLY C 57 2.02 -3.88 10.99
CA GLY C 57 3.11 -3.11 10.39
C GLY C 57 2.72 -1.75 9.78
N PHE C 58 1.42 -1.47 9.62
CA PHE C 58 0.88 -0.18 9.16
C PHE C 58 0.52 0.82 10.28
N VAL C 59 1.07 0.59 11.48
CA VAL C 59 1.36 1.62 12.49
C VAL C 59 2.77 1.34 13.02
N GLY C 60 3.58 2.36 13.26
CA GLY C 60 4.96 2.16 13.70
C GLY C 60 5.61 3.42 14.23
N LEU C 61 6.92 3.36 14.43
CA LEU C 61 7.71 4.53 14.84
C LEU C 61 7.74 5.62 13.78
N GLY C 62 7.47 5.33 12.51
CA GLY C 62 7.27 6.37 11.50
C GLY C 62 6.15 7.35 11.87
N ASN C 63 5.08 6.86 12.50
CA ASN C 63 3.94 7.65 12.95
C ASN C 63 4.22 8.32 14.30
N VAL C 64 4.56 7.55 15.34
CA VAL C 64 4.64 8.07 16.71
C VAL C 64 5.96 8.77 17.04
N TRP C 65 7.01 8.54 16.25
CA TRP C 65 8.33 9.15 16.43
C TRP C 65 8.72 10.03 15.25
N ARG C 66 8.64 9.57 13.98
CA ARG C 66 9.20 10.33 12.86
C ARG C 66 8.34 11.52 12.41
N PHE C 67 7.04 11.36 12.22
CA PHE C 67 6.18 12.45 11.76
C PHE C 67 6.22 13.69 12.67
N PRO C 68 6.03 13.59 13.99
CA PRO C 68 5.99 14.78 14.85
C PRO C 68 7.27 15.58 14.84
N TYR C 69 8.42 14.91 14.78
CA TYR C 69 9.73 15.57 14.79
C TYR C 69 9.96 16.31 13.46
N LEU C 70 9.67 15.67 12.33
CA LEU C 70 9.79 16.35 11.05
C LEU C 70 8.85 17.54 10.98
N CYS C 71 7.61 17.36 11.43
CA CYS C 71 6.65 18.47 11.47
C CYS C 71 7.20 19.61 12.32
N TYR C 72 7.69 19.28 13.52
CA TYR C 72 8.28 20.31 14.38
C TYR C 72 9.50 20.95 13.73
N LYS C 73 10.40 20.19 13.11
CA LYS C 73 11.62 20.72 12.47
C LYS C 73 11.32 21.72 11.36
N ASN C 74 10.30 21.45 10.55
CA ASN C 74 9.84 22.30 9.46
C ASN C 74 8.80 23.35 9.87
N GLY C 75 8.72 23.72 11.14
CA GLY C 75 7.84 24.79 11.63
C GLY C 75 6.38 24.40 11.77
N GLY C 76 6.01 23.12 11.67
CA GLY C 76 4.66 22.69 11.99
C GLY C 76 3.68 22.71 10.84
N GLY C 77 2.77 23.70 10.83
CA GLY C 77 1.62 23.68 9.91
C GLY C 77 1.96 23.82 8.43
N ALA C 78 3.12 24.39 8.10
CA ALA C 78 3.62 24.43 6.73
C ALA C 78 4.04 23.05 6.21
N PHE C 79 4.33 22.07 7.06
CA PHE C 79 4.65 20.69 6.65
C PHE C 79 3.41 19.99 6.08
N LEU C 80 2.23 20.29 6.59
CA LEU C 80 0.97 19.62 6.26
C LEU C 80 0.51 19.87 4.81
N ILE C 81 0.82 21.03 4.21
CA ILE C 81 0.51 21.30 2.80
C ILE C 81 1.24 20.30 1.87
N PRO C 82 2.59 20.27 1.77
CA PRO C 82 3.28 19.29 0.96
C PRO C 82 3.07 17.86 1.44
N TYR C 83 2.72 17.65 2.71
CA TYR C 83 2.46 16.29 3.19
C TYR C 83 1.20 15.73 2.55
N PHE C 84 0.10 16.49 2.47
CA PHE C 84 -1.12 15.98 1.87
C PHE C 84 -1.00 15.91 0.34
N ILE C 85 -0.28 16.86 -0.26
CA ILE C 85 -0.12 16.83 -1.72
C ILE C 85 0.54 15.53 -2.15
N PHE C 86 1.61 15.14 -1.47
CA PHE C 86 2.23 13.85 -1.76
C PHE C 86 1.37 12.68 -1.31
N LEU C 87 0.57 12.86 -0.26
CA LEU C 87 -0.25 11.77 0.26
C LEU C 87 -1.14 11.19 -0.84
N PHE C 88 -1.90 12.04 -1.51
CA PHE C 88 -2.78 11.59 -2.58
C PHE C 88 -2.10 11.61 -3.94
N GLY C 89 -1.27 12.63 -4.19
CA GLY C 89 -0.63 12.73 -5.50
C GLY C 89 0.27 11.55 -5.80
N SER C 90 1.08 11.14 -4.83
CA SER C 90 2.02 10.05 -5.00
C SER C 90 1.90 8.97 -3.93
N GLY C 91 1.57 9.33 -2.70
CA GLY C 91 1.57 8.39 -1.59
C GLY C 91 0.74 7.14 -1.82
N LEU C 92 -0.58 7.30 -1.86
CA LEU C 92 -1.48 6.15 -2.02
C LEU C 92 -1.27 5.49 -3.38
N PRO C 93 -1.21 6.24 -4.48
CA PRO C 93 -1.06 5.58 -5.79
C PRO C 93 0.17 4.69 -5.87
N VAL C 94 1.29 5.11 -5.29
CA VAL C 94 2.48 4.27 -5.31
C VAL C 94 2.28 3.05 -4.40
N PHE C 95 1.67 3.23 -3.23
CA PHE C 95 1.43 2.11 -2.32
C PHE C 95 0.55 1.05 -2.97
N PHE C 96 -0.46 1.45 -3.75
CA PHE C 96 -1.24 0.48 -4.52
C PHE C 96 -0.37 -0.18 -5.59
N LEU C 97 0.49 0.59 -6.24
CA LEU C 97 1.31 0.05 -7.32
C LEU C 97 2.21 -1.08 -6.82
N GLU C 98 2.94 -0.84 -5.72
CA GLU C 98 3.87 -1.85 -5.22
C GLU C 98 3.14 -3.14 -4.88
N ILE C 99 2.03 -3.07 -4.15
CA ILE C 99 1.26 -4.24 -3.72
C ILE C 99 0.81 -5.05 -4.93
N ILE C 100 0.44 -4.41 -6.05
CA ILE C 100 0.04 -5.13 -7.25
C ILE C 100 1.24 -5.89 -7.82
N ILE C 101 2.40 -5.24 -7.87
CA ILE C 101 3.60 -5.88 -8.41
C ILE C 101 3.87 -7.19 -7.68
N GLY C 102 3.83 -7.14 -6.34
CA GLY C 102 4.10 -8.34 -5.56
C GLY C 102 3.13 -9.47 -5.87
N GLN C 103 1.83 -9.15 -5.89
CA GLN C 103 0.82 -10.16 -6.21
C GLN C 103 0.99 -10.67 -7.63
N TYR C 104 1.24 -9.76 -8.58
CA TYR C 104 1.30 -10.14 -9.98
C TYR C 104 2.36 -11.22 -10.21
N THR C 105 3.55 -11.04 -9.61
CA THR C 105 4.62 -12.03 -9.74
C THR C 105 4.52 -13.12 -8.69
N SER C 106 4.11 -12.77 -7.47
CA SER C 106 4.08 -13.72 -6.35
C SER C 106 5.49 -14.15 -5.97
N GLU C 107 6.39 -13.16 -5.89
CA GLU C 107 7.79 -13.42 -5.58
C GLU C 107 8.36 -12.20 -4.86
N GLY C 108 9.67 -12.20 -4.64
CA GLY C 108 10.32 -11.13 -3.92
C GLY C 108 10.36 -9.83 -4.71
N GLY C 109 10.79 -8.77 -4.02
CA GLY C 109 10.86 -7.46 -4.63
C GLY C 109 11.93 -7.31 -5.70
N ILE C 110 12.86 -8.26 -5.79
CA ILE C 110 13.90 -8.21 -6.80
C ILE C 110 13.53 -9.04 -8.02
N THR C 111 12.88 -10.19 -7.80
CA THR C 111 12.53 -11.09 -8.91
C THR C 111 11.41 -10.51 -9.78
N CYS C 112 10.53 -9.70 -9.21
CA CYS C 112 9.35 -9.24 -9.95
C CYS C 112 9.75 -8.44 -11.19
N TRP C 113 10.72 -7.54 -11.05
CA TRP C 113 11.10 -6.69 -12.17
C TRP C 113 11.56 -7.50 -13.38
N GLU C 114 12.01 -8.74 -13.16
CA GLU C 114 12.34 -9.59 -14.30
C GLU C 114 11.11 -9.87 -15.16
N LYS C 115 9.93 -9.91 -14.55
CA LYS C 115 8.68 -10.11 -15.27
C LYS C 115 8.08 -8.81 -15.77
N ILE C 116 8.72 -7.67 -15.53
CA ILE C 116 8.14 -6.37 -15.89
C ILE C 116 9.09 -5.66 -16.84
N CYS C 117 10.34 -5.47 -16.42
CA CYS C 117 11.33 -4.79 -17.25
C CYS C 117 12.73 -5.17 -16.80
N PRO C 118 13.32 -6.21 -17.41
CA PRO C 118 14.62 -6.71 -16.89
C PRO C 118 15.69 -5.64 -16.75
N LEU C 119 15.75 -4.65 -17.64
CA LEU C 119 16.76 -3.60 -17.51
C LEU C 119 16.72 -2.98 -16.12
N PHE C 120 15.53 -2.61 -15.66
CA PHE C 120 15.37 -1.87 -14.42
C PHE C 120 15.25 -2.78 -13.20
N SER C 121 15.79 -4.00 -13.28
CA SER C 121 15.82 -4.88 -12.11
C SER C 121 16.58 -4.24 -10.96
N GLY C 122 17.44 -3.28 -11.23
CA GLY C 122 18.20 -2.63 -10.17
C GLY C 122 17.32 -1.95 -9.13
N ILE C 123 16.06 -1.66 -9.49
CA ILE C 123 15.14 -1.11 -8.49
C ILE C 123 15.01 -2.05 -7.31
N GLY C 124 14.90 -3.35 -7.60
CA GLY C 124 14.86 -4.33 -6.52
C GLY C 124 16.10 -4.31 -5.65
N TYR C 125 17.27 -4.25 -6.29
CA TYR C 125 18.52 -4.12 -5.53
C TYR C 125 18.54 -2.81 -4.75
N ALA C 126 18.13 -1.72 -5.39
CA ALA C 126 18.04 -0.45 -4.68
C ALA C 126 17.15 -0.57 -3.45
N SER C 127 16.07 -1.34 -3.56
CA SER C 127 15.16 -1.51 -2.43
C SER C 127 15.82 -2.31 -1.31
N VAL C 128 16.46 -3.42 -1.64
CA VAL C 128 16.98 -4.32 -0.61
C VAL C 128 18.10 -3.63 0.18
N VAL C 129 18.92 -2.81 -0.49
CA VAL C 129 19.96 -2.08 0.24
C VAL C 129 19.32 -1.09 1.21
N ILE C 130 18.18 -0.49 0.83
CA ILE C 130 17.53 0.48 1.69
C ILE C 130 17.08 -0.18 2.99
N VAL C 131 16.45 -1.35 2.90
CA VAL C 131 16.00 -2.04 4.11
C VAL C 131 17.21 -2.44 4.95
N SER C 132 18.32 -2.81 4.30
CA SER C 132 19.53 -3.14 5.04
C SER C 132 20.02 -1.95 5.86
N LEU C 133 20.03 -0.76 5.26
CA LEU C 133 20.46 0.43 5.99
C LEU C 133 19.42 0.84 7.02
N LEU C 134 18.14 0.71 6.68
CA LEU C 134 17.09 1.07 7.63
C LEU C 134 17.14 0.20 8.88
N ASN C 135 17.34 -1.11 8.70
CA ASN C 135 17.37 -2.01 9.84
C ASN C 135 18.54 -1.72 10.78
N VAL C 136 19.54 -0.98 10.32
CA VAL C 136 20.70 -0.70 11.15
C VAL C 136 20.41 0.45 12.12
N TYR C 137 19.82 1.54 11.61
CA TYR C 137 19.55 2.71 12.44
C TYR C 137 18.14 2.73 13.03
N TYR C 138 17.16 2.05 12.46
CA TYR C 138 15.81 2.05 13.02
C TYR C 138 15.79 1.33 14.36
N ILE C 139 16.58 0.26 14.49
CA ILE C 139 16.59 -0.45 15.77
C ILE C 139 17.19 0.39 16.88
N VAL C 140 18.01 1.39 16.55
CA VAL C 140 18.63 2.22 17.58
C VAL C 140 17.57 2.95 18.39
N ILE C 141 16.38 3.22 17.84
CA ILE C 141 15.28 3.88 18.56
C ILE C 141 14.77 2.96 19.68
N LEU C 142 14.73 1.65 19.43
CA LEU C 142 14.36 0.65 20.43
C LEU C 142 15.39 0.58 21.56
N ALA C 143 16.65 0.91 21.30
CA ALA C 143 17.66 0.95 22.35
C ALA C 143 17.40 2.10 23.32
N TRP C 144 17.05 3.28 22.79
CA TRP C 144 16.69 4.40 23.64
C TRP C 144 15.44 4.07 24.45
N ALA C 145 14.43 3.46 23.82
CA ALA C 145 13.23 3.08 24.54
C ALA C 145 13.55 2.06 25.62
N THR C 146 14.41 1.09 25.31
CA THR C 146 14.80 0.10 26.31
C THR C 146 15.51 0.77 27.49
N TYR C 147 16.40 1.72 27.21
CA TYR C 147 17.07 2.44 28.30
C TYR C 147 16.07 3.23 29.14
N TYR C 148 15.12 3.90 28.48
CA TYR C 148 14.09 4.63 29.21
C TYR C 148 13.25 3.69 30.06
N LEU C 149 12.89 2.52 29.52
CA LEU C 149 12.04 1.60 30.26
C LEU C 149 12.71 1.14 31.54
N PHE C 150 14.00 0.77 31.46
CA PHE C 150 14.73 0.37 32.66
C PHE C 150 14.85 1.55 33.63
N GLN C 151 15.13 2.74 33.13
CA GLN C 151 15.19 3.91 33.98
C GLN C 151 13.84 4.25 34.59
N SER C 152 12.74 3.80 33.97
CA SER C 152 11.41 4.05 34.52
C SER C 152 11.14 3.21 35.75
N PHE C 153 11.86 2.09 35.93
CA PHE C 153 11.68 1.22 37.10
C PHE C 153 12.36 1.88 38.31
N GLN C 154 11.76 2.99 38.75
CA GLN C 154 12.31 3.77 39.85
C GLN C 154 11.16 4.40 40.61
N LYS C 155 11.45 4.80 41.86
CA LYS C 155 10.45 5.46 42.68
C LYS C 155 10.01 6.78 42.05
N GLU C 156 10.98 7.55 41.54
CA GLU C 156 10.71 8.81 40.86
C GLU C 156 11.43 8.82 39.53
N LEU C 157 10.74 9.29 38.49
CA LEU C 157 11.33 9.32 37.16
C LEU C 157 12.52 10.27 37.16
N PRO C 158 13.67 9.87 36.60
CA PRO C 158 14.86 10.75 36.68
C PRO C 158 14.67 12.08 35.99
N TRP C 159 13.84 12.16 34.95
CA TRP C 159 13.68 13.38 34.17
C TRP C 159 12.65 14.33 34.75
N ALA C 160 11.99 13.96 35.85
CA ALA C 160 11.02 14.87 36.46
C ALA C 160 11.70 16.10 37.03
N HIS C 161 12.87 15.93 37.63
CA HIS C 161 13.62 17.03 38.24
C HIS C 161 15.09 16.86 37.90
N CYS C 162 15.87 17.90 38.21
CA CYS C 162 17.32 17.89 37.97
C CYS C 162 18.03 18.11 39.30
N ASN C 163 18.37 17.01 39.99
CA ASN C 163 19.15 17.08 41.23
C ASN C 163 20.18 15.96 41.30
N HIS C 164 20.70 15.51 40.16
CA HIS C 164 21.62 14.39 40.10
C HIS C 164 23.01 14.85 39.66
N SER C 165 23.90 13.88 39.48
CA SER C 165 25.29 14.18 39.17
C SER C 165 25.49 14.60 37.72
N TRP C 166 24.61 14.17 36.81
CA TRP C 166 24.76 14.45 35.40
C TRP C 166 24.12 15.76 34.98
N ASN C 167 23.57 16.52 35.92
CA ASN C 167 22.77 17.69 35.59
C ASN C 167 23.62 18.95 35.65
N THR C 168 23.34 19.87 34.72
CA THR C 168 24.09 21.12 34.66
C THR C 168 23.70 22.04 35.80
N PRO C 169 24.55 23.02 36.13
CA PRO C 169 24.19 23.99 37.18
C PRO C 169 23.18 25.03 36.73
N HIS C 170 22.97 25.12 35.38
CA HIS C 170 21.97 26.01 34.76
C HIS C 170 20.56 25.51 34.77
N CYS C 171 20.29 24.34 35.28
CA CYS C 171 18.94 23.78 35.22
C CYS C 171 17.99 24.57 36.11
N MET C 172 16.74 24.70 35.65
CA MET C 172 15.69 25.33 36.42
C MET C 172 14.39 24.62 36.11
N GLU C 173 13.70 24.16 37.15
CA GLU C 173 12.45 23.43 36.95
C GLU C 173 11.45 24.31 36.21
N ASP C 174 10.62 23.66 35.38
CA ASP C 174 9.72 24.40 34.51
C ASP C 174 8.79 25.32 35.31
N THR C 175 8.25 24.83 36.42
CA THR C 175 7.36 25.65 37.22
C THR C 175 8.08 26.88 37.76
N MET C 176 9.31 26.72 38.23
CA MET C 176 10.08 27.83 38.79
C MET C 176 10.81 28.64 37.72
N ARG C 177 10.86 28.17 36.47
CA ARG C 177 11.56 28.91 35.43
C ARG C 177 10.88 30.24 35.12
N LYS C 178 9.58 30.36 35.39
CA LYS C 178 8.84 31.60 35.15
C LYS C 178 8.20 32.14 36.42
N ASN C 179 8.76 31.81 37.58
CA ASN C 179 8.22 32.29 38.85
C ASN C 179 8.41 33.79 38.98
N THR C 189 17.16 34.05 31.69
CA THR C 189 18.50 33.46 31.61
C THR C 189 18.50 32.23 30.72
N ASN C 190 19.68 31.64 30.53
CA ASN C 190 19.84 30.46 29.69
C ASN C 190 19.62 29.18 30.50
N PHE C 191 18.46 29.10 31.14
CA PHE C 191 18.10 27.93 31.91
C PHE C 191 17.76 26.76 30.98
N THR C 192 17.91 25.55 31.52
CA THR C 192 17.66 24.32 30.76
C THR C 192 16.65 23.47 31.53
N SER C 193 15.70 22.91 30.80
CA SER C 193 14.69 22.07 31.42
C SER C 193 15.30 20.73 31.84
N PRO C 194 14.90 20.17 32.98
CA PRO C 194 15.46 18.87 33.39
C PRO C 194 15.18 17.76 32.39
N VAL C 195 14.01 17.79 31.74
CA VAL C 195 13.65 16.72 30.81
C VAL C 195 14.58 16.73 29.61
N ILE C 196 14.87 17.91 29.05
CA ILE C 196 15.68 17.98 27.84
C ILE C 196 17.09 17.48 28.10
N GLU C 197 17.72 17.96 29.17
CA GLU C 197 19.11 17.61 29.44
C GLU C 197 19.28 16.20 29.95
N PHE C 198 18.23 15.60 30.52
CA PHE C 198 18.29 14.17 30.83
C PHE C 198 18.46 13.36 29.55
N TRP C 199 17.71 13.70 28.51
CA TRP C 199 17.88 13.05 27.21
C TRP C 199 19.28 13.31 26.67
N GLU C 200 19.75 14.55 26.74
CA GLU C 200 21.02 14.90 26.10
C GLU C 200 22.21 14.35 26.89
N ARG C 201 22.18 14.47 28.22
CA ARG C 201 23.35 14.17 29.03
C ARG C 201 23.32 12.76 29.63
N ASN C 202 22.16 12.27 30.06
CA ASN C 202 22.08 10.95 30.67
C ASN C 202 21.87 9.87 29.62
N VAL C 203 20.76 9.94 28.88
CA VAL C 203 20.44 8.90 27.90
C VAL C 203 21.39 8.99 26.72
N LEU C 204 21.67 10.20 26.24
CA LEU C 204 22.48 10.40 25.05
C LEU C 204 23.94 10.72 25.35
N SER C 205 24.21 11.56 26.35
CA SER C 205 25.56 12.06 26.60
C SER C 205 26.13 12.68 25.33
N LEU C 206 25.38 13.64 24.79
CA LEU C 206 25.68 14.20 23.49
C LEU C 206 27.10 14.76 23.44
N SER C 207 27.82 14.39 22.38
CA SER C 207 29.14 14.94 22.12
C SER C 207 29.01 16.31 21.48
N PRO C 208 30.03 17.17 21.62
CA PRO C 208 29.95 18.49 20.97
C PRO C 208 29.82 18.43 19.46
N GLY C 209 30.21 17.33 18.82
CA GLY C 209 30.07 17.21 17.38
C GLY C 209 30.37 15.80 16.93
N ILE C 210 30.07 15.56 15.65
CA ILE C 210 30.34 14.24 15.06
C ILE C 210 31.83 13.96 14.99
N ASP C 211 32.67 14.99 15.03
CA ASP C 211 34.11 14.81 14.99
C ASP C 211 34.67 14.29 16.32
N HIS C 212 33.82 14.16 17.35
CA HIS C 212 34.24 13.70 18.67
C HIS C 212 33.37 12.51 19.04
N PRO C 213 33.69 11.30 18.54
CA PRO C 213 32.86 10.14 18.87
C PRO C 213 32.74 9.88 20.36
N GLY C 214 33.80 10.15 21.13
CA GLY C 214 33.74 9.93 22.56
C GLY C 214 33.79 8.44 22.89
N SER C 215 33.39 8.13 24.13
CA SER C 215 33.40 6.77 24.61
C SER C 215 32.11 6.04 24.19
N LEU C 216 32.22 4.73 24.09
CA LEU C 216 31.06 3.90 23.74
C LEU C 216 30.24 3.62 24.99
N LYS C 217 29.01 4.13 25.02
CA LYS C 217 28.14 3.93 26.17
C LYS C 217 27.84 2.46 26.36
N TRP C 218 28.37 1.87 27.44
CA TRP C 218 28.16 0.45 27.68
C TRP C 218 26.69 0.13 27.94
N ASP C 219 26.00 1.01 28.69
CA ASP C 219 24.59 0.76 28.99
C ASP C 219 23.76 0.71 27.72
N LEU C 220 23.98 1.66 26.81
CA LEU C 220 23.24 1.66 25.56
C LEU C 220 23.64 0.49 24.66
N ALA C 221 24.92 0.11 24.71
CA ALA C 221 25.37 -1.04 23.91
C ALA C 221 24.64 -2.31 24.34
N LEU C 222 24.45 -2.50 25.65
CA LEU C 222 23.69 -3.65 26.13
C LEU C 222 22.25 -3.58 25.66
N CYS C 223 21.66 -2.38 25.67
CA CYS C 223 20.28 -2.24 25.20
C CYS C 223 20.16 -2.66 23.74
N LEU C 224 21.11 -2.25 22.89
CA LEU C 224 21.09 -2.68 21.50
C LEU C 224 21.26 -4.19 21.40
N LEU C 225 22.12 -4.76 22.23
CA LEU C 225 22.30 -6.22 22.23
C LEU C 225 21.01 -6.92 22.65
N LEU C 226 20.34 -6.40 23.67
CA LEU C 226 19.11 -7.03 24.15
C LEU C 226 18.04 -7.06 23.08
N VAL C 227 17.82 -5.92 22.41
CA VAL C 227 16.80 -5.87 21.37
C VAL C 227 17.18 -6.76 20.19
N TRP C 228 18.45 -6.73 19.79
CA TRP C 228 18.89 -7.59 18.69
C TRP C 228 18.73 -9.07 19.04
N LEU C 229 19.05 -9.44 20.27
CA LEU C 229 18.85 -10.82 20.69
C LEU C 229 17.38 -11.20 20.59
N VAL C 230 16.48 -10.33 21.03
CA VAL C 230 15.05 -10.60 20.91
C VAL C 230 14.67 -10.80 19.45
N CYS C 231 15.21 -9.96 18.56
CA CYS C 231 14.91 -10.11 17.15
C CYS C 231 15.39 -11.45 16.61
N PHE C 232 16.60 -11.87 17.02
CA PHE C 232 17.16 -13.12 16.52
C PHE C 232 16.28 -14.30 16.95
N PHE C 233 15.98 -14.39 18.25
CA PHE C 233 15.17 -15.51 18.73
C PHE C 233 13.77 -15.49 18.11
N CYS C 234 13.15 -14.30 18.01
CA CYS C 234 11.83 -14.22 17.43
C CYS C 234 11.84 -14.64 15.96
N ILE C 235 12.84 -14.16 15.20
CA ILE C 235 12.95 -14.52 13.80
C ILE C 235 13.31 -15.99 13.65
N TRP C 236 14.27 -16.47 14.46
CA TRP C 236 14.69 -17.86 14.38
C TRP C 236 13.54 -18.80 14.69
N LYS C 237 12.79 -18.50 15.76
CA LYS C 237 11.67 -19.33 16.16
C LYS C 237 10.36 -18.93 15.48
N GLY C 238 10.38 -17.91 14.64
CA GLY C 238 9.15 -17.47 13.98
C GLY C 238 8.09 -17.00 14.95
N VAL C 239 8.49 -16.27 15.99
CA VAL C 239 7.55 -15.79 16.99
C VAL C 239 6.84 -14.56 16.45
N ARG C 240 5.52 -14.59 16.42
CA ARG C 240 4.72 -13.47 15.96
C ARG C 240 3.36 -13.52 16.62
N SER C 241 2.68 -12.38 16.62
CA SER C 241 1.34 -12.29 17.21
C SER C 241 0.34 -12.93 16.25
N THR C 242 -0.21 -14.08 16.64
CA THR C 242 -1.21 -14.77 15.83
C THR C 242 -2.40 -15.23 16.67
N GLY C 243 -2.20 -15.41 17.96
CA GLY C 243 -3.23 -15.93 18.84
C GLY C 243 -4.04 -14.85 19.50
N LYS C 244 -4.49 -15.12 20.73
CA LYS C 244 -5.24 -14.13 21.50
C LYS C 244 -4.42 -12.89 21.78
N VAL C 245 -3.10 -12.99 21.78
CA VAL C 245 -2.24 -11.85 22.09
C VAL C 245 -2.32 -10.77 21.03
N VAL C 246 -2.87 -11.09 19.85
CA VAL C 246 -2.98 -10.08 18.79
C VAL C 246 -3.90 -8.95 19.23
N TYR C 247 -4.97 -9.29 19.96
CA TYR C 247 -5.90 -8.26 20.42
C TYR C 247 -5.18 -7.24 21.30
N PHE C 248 -4.33 -7.71 22.21
CA PHE C 248 -3.58 -6.79 23.06
C PHE C 248 -2.49 -6.05 22.28
N THR C 249 -1.76 -6.77 21.43
CA THR C 249 -0.66 -6.13 20.70
C THR C 249 -1.15 -5.04 19.76
N ALA C 250 -2.26 -5.30 19.05
CA ALA C 250 -2.78 -4.31 18.12
C ALA C 250 -3.50 -3.18 18.85
N THR C 251 -4.24 -3.50 19.91
CA THR C 251 -5.02 -2.49 20.61
C THR C 251 -4.17 -1.62 21.52
N PHE C 252 -3.11 -2.18 22.12
CA PHE C 252 -2.35 -1.41 23.11
C PHE C 252 -1.76 -0.13 22.54
N PRO C 253 -1.17 -0.03 21.33
CA PRO C 253 -0.72 1.25 20.79
C PRO C 253 -1.79 2.34 20.78
N PHE C 254 -2.98 2.04 20.23
CA PHE C 254 -4.08 3.00 20.21
C PHE C 254 -4.60 3.32 21.61
N ALA C 255 -4.57 2.39 22.56
CA ALA C 255 -5.07 2.71 23.90
C ALA C 255 -4.16 3.72 24.59
N MET C 256 -2.85 3.52 24.51
CA MET C 256 -1.91 4.47 25.14
C MET C 256 -1.94 5.81 24.44
N LEU C 257 -1.99 5.82 23.09
CA LEU C 257 -2.01 7.05 22.32
C LEU C 257 -3.26 7.90 22.62
N LEU C 258 -4.42 7.29 22.88
CA LEU C 258 -5.62 8.05 23.26
C LEU C 258 -5.43 8.73 24.59
N VAL C 259 -4.86 8.04 25.58
CA VAL C 259 -4.62 8.64 26.88
C VAL C 259 -3.64 9.80 26.74
N LEU C 260 -2.56 9.61 25.97
CA LEU C 260 -1.59 10.67 25.77
C LEU C 260 -2.23 11.86 25.06
N LEU C 261 -3.04 11.59 24.02
CA LEU C 261 -3.70 12.67 23.30
C LEU C 261 -4.62 13.46 24.23
N VAL C 262 -5.39 12.76 25.05
CA VAL C 262 -6.28 13.44 25.99
C VAL C 262 -5.48 14.28 26.96
N ARG C 263 -4.38 13.74 27.47
CA ARG C 263 -3.55 14.49 28.41
C ARG C 263 -3.01 15.75 27.77
N GLY C 264 -2.58 15.66 26.51
CA GLY C 264 -2.00 16.83 25.85
C GLY C 264 -3.00 17.96 25.68
N LEU C 265 -4.20 17.64 25.19
CA LEU C 265 -5.18 18.68 24.90
C LEU C 265 -5.63 19.40 26.17
N THR C 266 -5.78 18.66 27.26
CA THR C 266 -6.27 19.22 28.52
C THR C 266 -5.24 20.10 29.22
N LEU C 267 -4.00 20.13 28.75
CA LEU C 267 -2.98 20.95 29.38
C LEU C 267 -3.39 22.43 29.31
N PRO C 268 -2.98 23.24 30.28
CA PRO C 268 -3.40 24.66 30.31
C PRO C 268 -2.84 25.49 29.15
N GLY C 269 -2.02 24.91 28.29
CA GLY C 269 -1.47 25.64 27.15
C GLY C 269 -1.53 24.86 25.86
N ALA C 270 -2.41 23.86 25.81
CA ALA C 270 -2.52 23.04 24.61
C ALA C 270 -2.95 23.86 23.40
N GLY C 271 -3.79 24.88 23.62
CA GLY C 271 -4.32 25.65 22.51
C GLY C 271 -3.23 26.27 21.65
N ALA C 272 -2.20 26.82 22.28
CA ALA C 272 -1.12 27.45 21.53
C ALA C 272 -0.44 26.45 20.60
N GLY C 273 -0.14 25.26 21.11
CA GLY C 273 0.55 24.28 20.31
C GLY C 273 -0.24 23.85 19.09
N ILE C 274 -1.55 23.66 19.23
CA ILE C 274 -2.43 23.20 18.14
C ILE C 274 -2.56 24.26 17.03
N LYS C 275 -2.53 25.56 17.38
CA LYS C 275 -2.44 26.66 16.41
C LYS C 275 -1.13 26.64 15.64
N PHE C 276 0.01 26.47 16.31
CA PHE C 276 1.32 26.30 15.67
C PHE C 276 1.37 25.06 14.76
N TYR C 277 0.75 23.95 15.17
CA TYR C 277 0.67 22.73 14.39
C TYR C 277 -0.15 22.87 13.11
N LEU C 278 -1.24 23.63 13.11
CA LEU C 278 -2.19 23.67 11.99
C LEU C 278 -2.10 24.92 11.12
N TYR C 279 -1.70 26.08 11.62
CA TYR C 279 -1.60 27.29 10.78
C TYR C 279 -0.33 27.25 9.92
N PRO C 280 -0.40 27.26 8.57
CA PRO C 280 0.79 27.26 7.73
C PRO C 280 1.46 28.63 7.69
N ASP C 281 2.75 28.69 8.02
CA ASP C 281 3.61 29.80 7.61
C ASP C 281 3.98 29.61 6.14
N ILE C 282 3.21 30.17 5.22
CA ILE C 282 3.34 29.89 3.77
C ILE C 282 4.70 30.32 3.21
N THR C 283 5.40 31.28 3.83
CA THR C 283 6.78 31.62 3.47
C THR C 283 7.78 30.46 3.64
N ARG C 284 7.45 29.41 4.42
CA ARG C 284 8.25 28.18 4.54
C ARG C 284 8.21 27.32 3.29
N LEU C 285 7.14 27.37 2.50
CA LEU C 285 7.00 26.58 1.27
C LEU C 285 7.93 27.07 0.15
N GLU C 286 8.54 28.25 0.28
CA GLU C 286 9.57 28.76 -0.61
C GLU C 286 10.94 28.08 -0.40
N ASP C 287 11.07 27.19 0.60
CA ASP C 287 12.27 26.40 0.86
C ASP C 287 12.06 24.94 0.45
N PRO C 288 13.02 24.30 -0.23
CA PRO C 288 12.88 22.90 -0.67
C PRO C 288 12.80 21.90 0.47
N GLN C 289 13.43 22.20 1.61
CA GLN C 289 13.58 21.21 2.67
C GLN C 289 12.24 20.61 3.06
N VAL C 290 11.19 21.44 3.22
CA VAL C 290 9.87 20.99 3.66
C VAL C 290 9.16 20.10 2.64
N TRP C 291 9.45 20.25 1.35
CA TRP C 291 8.86 19.44 0.28
C TRP C 291 9.43 18.04 0.26
N ILE C 292 10.74 17.85 0.38
CA ILE C 292 11.31 16.50 0.43
C ILE C 292 11.00 15.85 1.77
N ASP C 293 11.16 16.60 2.86
CA ASP C 293 10.85 16.06 4.19
C ASP C 293 9.41 15.57 4.25
N ALA C 294 8.46 16.39 3.79
CA ALA C 294 7.07 15.98 3.78
C ALA C 294 6.83 14.85 2.79
N GLY C 295 7.32 15.00 1.56
CA GLY C 295 7.03 14.00 0.54
C GLY C 295 7.62 12.64 0.87
N THR C 296 8.90 12.62 1.28
CA THR C 296 9.55 11.35 1.59
C THR C 296 8.97 10.72 2.85
N GLN C 297 8.48 11.49 3.82
CA GLN C 297 7.83 10.93 5.01
C GLN C 297 6.63 10.06 4.61
N ILE C 298 5.94 10.38 3.52
CA ILE C 298 4.87 9.52 3.04
C ILE C 298 5.43 8.17 2.62
N PHE C 299 6.51 8.19 1.83
CA PHE C 299 7.12 6.94 1.39
C PHE C 299 7.68 6.15 2.56
N PHE C 300 8.36 6.81 3.51
CA PHE C 300 8.94 6.15 4.67
C PHE C 300 7.88 5.45 5.52
N SER C 301 6.82 6.17 5.85
CA SER C 301 5.78 5.71 6.77
C SER C 301 4.92 4.59 6.19
N TYR C 302 4.70 4.57 4.88
CA TYR C 302 4.06 3.46 4.18
C TYR C 302 5.01 2.28 3.93
N ALA C 303 6.30 2.37 4.30
CA ALA C 303 7.31 1.36 4.01
C ALA C 303 7.40 1.00 2.52
N ILE C 304 7.03 1.95 1.64
CA ILE C 304 7.12 1.78 0.19
C ILE C 304 8.52 2.15 -0.29
N CYS C 305 8.95 1.62 -1.44
CA CYS C 305 10.29 1.72 -1.99
C CYS C 305 11.29 0.86 -1.24
N LEU C 306 10.86 0.14 -0.20
CA LEU C 306 11.73 -0.76 0.53
C LEU C 306 11.71 -2.18 0.01
N GLY C 307 10.70 -2.53 -0.79
CA GLY C 307 10.53 -3.88 -1.29
C GLY C 307 9.77 -4.81 -0.38
N ALA C 308 9.45 -4.38 0.84
CA ALA C 308 8.69 -5.24 1.75
C ALA C 308 7.26 -5.43 1.27
N MET C 309 6.61 -4.37 0.75
CA MET C 309 5.22 -4.42 0.30
C MET C 309 5.07 -5.35 -0.91
N THR C 310 6.07 -5.42 -1.79
CA THR C 310 6.07 -6.42 -2.86
C THR C 310 6.12 -7.83 -2.29
N SER C 311 6.99 -8.04 -1.30
CA SER C 311 7.05 -9.34 -0.61
C SER C 311 5.76 -9.61 0.16
N LEU C 312 5.17 -8.58 0.77
CA LEU C 312 3.93 -8.77 1.51
C LEU C 312 2.81 -9.25 0.59
N GLY C 313 2.68 -8.64 -0.58
CA GLY C 313 1.64 -9.06 -1.52
C GLY C 313 1.86 -10.47 -2.02
N SER C 314 3.11 -10.81 -2.32
CA SER C 314 3.39 -12.14 -2.86
C SER C 314 3.14 -13.23 -1.83
N TYR C 315 3.31 -12.93 -0.54
CA TYR C 315 3.12 -13.93 0.50
C TYR C 315 1.75 -14.59 0.37
N ASN C 316 0.69 -13.79 0.31
CA ASN C 316 -0.65 -14.32 0.12
C ASN C 316 -1.61 -13.16 -0.10
N LYS C 317 -2.52 -13.31 -1.05
CA LYS C 317 -3.57 -12.33 -1.29
C LYS C 317 -4.60 -12.90 -2.27
N TYR C 318 -5.86 -12.96 -1.85
CA TYR C 318 -6.91 -13.51 -2.70
C TYR C 318 -8.26 -13.24 -2.05
N HIS C 319 -9.31 -13.30 -2.87
CA HIS C 319 -10.69 -13.19 -2.41
C HIS C 319 -10.92 -11.89 -1.64
N ASN C 320 -10.22 -10.83 -2.02
CA ASN C 320 -10.39 -9.54 -1.37
C ASN C 320 -10.15 -8.43 -2.38
N ASN C 321 -10.76 -7.27 -2.14
CA ASN C 321 -10.55 -6.10 -2.97
C ASN C 321 -9.27 -5.41 -2.52
N VAL C 322 -8.21 -5.54 -3.32
CA VAL C 322 -6.93 -4.94 -2.95
C VAL C 322 -7.03 -3.42 -2.99
N TYR C 323 -7.80 -2.88 -3.93
CA TYR C 323 -7.94 -1.43 -4.02
C TYR C 323 -8.51 -0.86 -2.74
N ARG C 324 -9.58 -1.46 -2.22
CA ARG C 324 -10.18 -0.97 -0.98
C ARG C 324 -9.21 -1.14 0.20
N ASP C 325 -8.53 -2.28 0.27
CA ASP C 325 -7.63 -2.53 1.39
C ASP C 325 -6.50 -1.50 1.43
N CYS C 326 -5.90 -1.21 0.27
CA CYS C 326 -4.77 -0.29 0.25
C CYS C 326 -5.18 1.12 0.65
N MET C 327 -6.32 1.60 0.14
CA MET C 327 -6.82 2.90 0.56
C MET C 327 -7.18 2.91 2.03
N LEU C 328 -7.80 1.83 2.52
CA LEU C 328 -8.13 1.75 3.93
C LEU C 328 -6.88 1.77 4.79
N LEU C 329 -5.86 0.96 4.49
CA LEU C 329 -4.59 0.94 5.22
C LEU C 329 -3.85 2.28 5.12
N GLY C 330 -3.71 2.82 3.91
CA GLY C 330 -3.02 4.08 3.67
C GLY C 330 -3.71 5.27 4.31
N CYS C 331 -5.04 5.36 4.28
CA CYS C 331 -5.68 6.48 4.96
C CYS C 331 -5.54 6.37 6.47
N LEU C 332 -5.66 5.15 7.01
CA LEU C 332 -5.53 4.96 8.45
C LEU C 332 -4.11 5.27 8.93
N ASN C 333 -3.08 4.81 8.21
CA ASN C 333 -1.68 5.04 8.56
C ASN C 333 -1.39 6.55 8.62
N SER C 334 -1.87 7.30 7.64
CA SER C 334 -1.78 8.76 7.63
C SER C 334 -2.66 9.42 8.71
N GLY C 335 -3.84 8.86 9.00
CA GLY C 335 -4.72 9.43 10.02
C GLY C 335 -4.08 9.44 11.40
N THR C 336 -3.48 8.32 11.78
CA THR C 336 -2.82 8.15 13.10
C THR C 336 -1.55 9.00 13.25
N SER C 337 -0.82 9.31 12.18
CA SER C 337 0.20 10.37 12.22
C SER C 337 -0.40 11.73 12.46
N PHE C 338 -1.42 12.15 11.69
CA PHE C 338 -2.03 13.44 11.91
C PHE C 338 -2.65 13.52 13.30
N VAL C 339 -3.35 12.46 13.71
CA VAL C 339 -3.99 12.45 15.02
C VAL C 339 -2.93 12.52 16.12
N SER C 340 -1.90 11.68 16.09
CA SER C 340 -0.84 11.74 17.11
C SER C 340 -0.02 13.03 17.00
N GLY C 341 -0.17 13.83 15.93
CA GLY C 341 0.47 15.14 15.90
C GLY C 341 -0.08 16.08 16.95
N PHE C 342 -1.40 16.03 17.19
CA PHE C 342 -1.99 16.88 18.21
C PHE C 342 -1.39 16.58 19.57
N ALA C 343 -1.21 15.30 19.90
CA ALA C 343 -0.64 14.94 21.19
C ALA C 343 0.71 15.61 21.40
N ILE C 344 1.63 15.47 20.44
CA ILE C 344 2.97 16.02 20.60
C ILE C 344 2.91 17.54 20.70
N PHE C 345 2.25 18.18 19.73
CA PHE C 345 2.22 19.64 19.70
C PHE C 345 1.45 20.21 20.89
N SER C 346 0.39 19.53 21.30
CA SER C 346 -0.34 19.97 22.49
C SER C 346 0.59 20.03 23.70
N ILE C 347 1.43 19.01 23.87
CA ILE C 347 2.40 19.02 24.96
C ILE C 347 3.40 20.15 24.77
N LEU C 348 3.93 20.30 23.55
CA LEU C 348 4.85 21.39 23.26
C LEU C 348 4.23 22.74 23.59
N GLY C 349 2.95 22.92 23.25
CA GLY C 349 2.29 24.18 23.57
C GLY C 349 2.31 24.47 25.05
N PHE C 350 1.99 23.46 25.87
CA PHE C 350 2.02 23.66 27.31
C PHE C 350 3.43 23.92 27.81
N MET C 351 4.43 23.21 27.26
CA MET C 351 5.80 23.46 27.68
C MET C 351 6.25 24.87 27.34
N ALA C 352 5.72 25.44 26.25
CA ALA C 352 6.06 26.81 25.91
C ALA C 352 5.61 27.79 26.98
N GLN C 353 4.34 27.72 27.37
CA GLN C 353 3.81 28.67 28.35
C GLN C 353 4.42 28.44 29.72
N GLU C 354 4.65 27.17 30.10
CA GLU C 354 5.27 26.88 31.39
C GLU C 354 6.69 27.41 31.44
N GLN C 355 7.44 27.26 30.35
CA GLN C 355 8.83 27.72 30.28
C GLN C 355 8.96 29.15 29.79
N GLY C 356 7.88 29.76 29.33
CA GLY C 356 7.95 31.14 28.86
C GLY C 356 8.85 31.32 27.65
N VAL C 357 8.81 30.39 26.71
CA VAL C 357 9.61 30.46 25.50
C VAL C 357 8.74 30.09 24.31
N ASP C 358 9.24 30.42 23.11
CA ASP C 358 8.50 30.16 21.89
C ASP C 358 8.29 28.65 21.68
N ILE C 359 7.16 28.30 21.09
CA ILE C 359 6.86 26.88 20.84
C ILE C 359 7.90 26.28 19.90
N ALA C 360 8.50 27.10 19.04
CA ALA C 360 9.49 26.64 18.08
C ALA C 360 10.83 26.27 18.73
N ASP C 361 11.05 26.66 19.99
CA ASP C 361 12.32 26.45 20.67
C ASP C 361 12.22 25.58 21.91
N VAL C 362 11.03 25.14 22.31
CA VAL C 362 10.88 24.42 23.58
C VAL C 362 11.69 23.13 23.54
N ALA C 363 11.60 22.38 22.46
CA ALA C 363 12.16 21.03 22.38
C ALA C 363 13.11 20.91 21.21
N GLU C 364 13.81 19.78 21.17
CA GLU C 364 14.77 19.52 20.12
C GLU C 364 14.09 19.38 18.76
N SER C 365 14.67 20.01 17.74
CA SER C 365 14.18 19.87 16.37
C SER C 365 14.89 18.69 15.68
N GLY C 366 14.67 17.50 16.23
CA GLY C 366 15.31 16.31 15.73
C GLY C 366 14.65 15.05 16.24
N PRO C 367 15.32 13.90 16.04
CA PRO C 367 14.73 12.62 16.47
C PRO C 367 14.42 12.57 17.95
N GLY C 368 15.08 13.38 18.78
CA GLY C 368 14.87 13.37 20.20
C GLY C 368 13.58 13.99 20.68
N LEU C 369 12.78 14.55 19.77
CA LEU C 369 11.52 15.18 20.18
C LEU C 369 10.62 14.20 20.91
N ALA C 370 10.47 13.00 20.35
CA ALA C 370 9.60 12.00 20.98
C ALA C 370 10.10 11.61 22.36
N PHE C 371 11.41 11.71 22.59
CA PHE C 371 12.00 11.40 23.88
C PHE C 371 12.09 12.61 24.80
N ILE C 372 11.50 13.74 24.40
CA ILE C 372 11.42 14.93 25.23
C ILE C 372 9.99 15.31 25.56
N ALA C 373 9.06 15.14 24.61
CA ALA C 373 7.69 15.57 24.82
C ALA C 373 6.89 14.54 25.62
N TYR C 374 6.86 13.29 25.14
CA TYR C 374 6.05 12.26 25.79
C TYR C 374 6.55 11.99 27.21
N PRO C 375 7.85 11.92 27.46
CA PRO C 375 8.31 11.81 28.85
C PRO C 375 7.81 12.93 29.74
N LYS C 376 7.68 14.15 29.20
CA LYS C 376 7.07 15.23 29.95
C LYS C 376 5.61 14.94 30.26
N ALA C 377 4.87 14.41 29.28
CA ALA C 377 3.44 14.18 29.47
C ALA C 377 3.18 13.17 30.57
N VAL C 378 3.94 12.07 30.59
CA VAL C 378 3.76 11.05 31.62
C VAL C 378 4.08 11.59 33.00
N THR C 379 4.87 12.67 33.09
CA THR C 379 5.24 13.22 34.38
C THR C 379 4.09 13.96 35.05
N MET C 380 3.05 14.32 34.30
CA MET C 380 1.93 15.10 34.82
C MET C 380 0.65 14.28 34.94
N MET C 381 0.77 12.98 35.14
CA MET C 381 -0.34 12.06 35.29
C MET C 381 -0.31 11.42 36.67
N PRO C 382 -1.44 10.93 37.17
CA PRO C 382 -1.42 10.21 38.45
C PRO C 382 -0.47 9.03 38.39
N LEU C 383 0.34 8.88 39.44
CA LEU C 383 1.34 7.83 39.49
C LEU C 383 2.16 7.82 38.21
N PRO C 384 3.03 8.81 38.02
CA PRO C 384 3.76 8.91 36.74
C PRO C 384 4.54 7.65 36.38
N THR C 385 5.05 6.92 37.37
CA THR C 385 5.84 5.72 37.08
C THR C 385 5.00 4.70 36.32
N PHE C 386 3.73 4.53 36.70
CA PHE C 386 2.89 3.53 36.05
C PHE C 386 2.73 3.81 34.56
N TRP C 387 2.45 5.07 34.21
CA TRP C 387 2.25 5.42 32.82
C TRP C 387 3.56 5.46 32.04
N SER C 388 4.66 5.84 32.69
CA SER C 388 5.95 5.82 32.03
C SER C 388 6.33 4.41 31.60
N ILE C 389 6.06 3.42 32.46
CA ILE C 389 6.34 2.03 32.12
C ILE C 389 5.48 1.60 30.93
N LEU C 390 4.20 1.94 30.97
CA LEU C 390 3.30 1.51 29.90
C LEU C 390 3.68 2.12 28.56
N PHE C 391 4.23 3.33 28.56
CA PHE C 391 4.59 3.98 27.31
C PHE C 391 5.68 3.22 26.58
N PHE C 392 6.77 2.90 27.27
CA PHE C 392 7.94 2.31 26.61
C PHE C 392 7.78 0.81 26.35
N ILE C 393 6.81 0.16 26.97
CA ILE C 393 6.45 -1.20 26.58
C ILE C 393 5.37 -1.13 25.51
N MET C 394 5.08 0.09 25.05
CA MET C 394 4.28 0.31 23.85
C MET C 394 5.11 0.92 22.73
N LEU C 395 6.16 1.64 23.03
CA LEU C 395 7.15 2.10 22.06
C LEU C 395 8.02 0.93 21.63
N LEU C 396 8.36 0.02 22.55
CA LEU C 396 9.06 -1.23 22.23
C LEU C 396 8.22 -2.19 21.41
N LEU C 397 7.03 -2.61 21.83
CA LEU C 397 6.18 -3.53 21.11
C LEU C 397 5.77 -2.97 19.75
N LEU C 398 5.44 -1.68 19.63
CA LEU C 398 5.08 -1.07 18.35
C LEU C 398 6.27 -1.05 17.37
N GLY C 399 7.47 -0.76 17.88
CA GLY C 399 8.70 -0.83 17.09
C GLY C 399 9.27 -2.23 16.91
N LEU C 400 9.08 -3.14 17.87
CA LEU C 400 9.62 -4.50 17.74
C LEU C 400 8.93 -5.27 16.62
N ASP C 401 7.61 -5.15 16.50
CA ASP C 401 6.86 -5.83 15.46
C ASP C 401 7.27 -5.34 14.07
N SER C 402 7.49 -4.04 13.90
CA SER C 402 8.05 -3.46 12.68
C SER C 402 9.44 -4.02 12.38
N GLN C 403 10.33 -4.11 13.36
CA GLN C 403 11.68 -4.62 13.14
C GLN C 403 11.64 -6.07 12.66
N PHE C 404 10.74 -6.88 13.23
CA PHE C 404 10.65 -8.27 12.82
C PHE C 404 10.29 -8.39 11.34
N VAL C 405 9.33 -7.58 10.87
CA VAL C 405 8.86 -7.60 9.49
C VAL C 405 9.96 -7.19 8.52
N GLU C 406 10.74 -6.17 8.78
CA GLU C 406 11.76 -5.80 7.86
C GLU C 406 13.01 -6.62 8.01
N VAL C 407 13.34 -7.16 9.17
CA VAL C 407 14.43 -8.13 9.28
C VAL C 407 14.06 -9.43 8.57
N GLU C 408 12.82 -9.90 8.77
CA GLU C 408 12.37 -11.10 8.08
C GLU C 408 12.35 -10.88 6.57
N GLY C 409 11.87 -9.73 6.12
CA GLY C 409 11.85 -9.45 4.70
C GLY C 409 13.26 -9.39 4.11
N GLN C 410 14.20 -8.78 4.84
CA GLN C 410 15.57 -8.71 4.36
C GLN C 410 16.17 -10.11 4.22
N ILE C 411 15.93 -10.97 5.21
CA ILE C 411 16.46 -12.33 5.14
C ILE C 411 15.87 -13.07 3.94
N THR C 412 14.56 -12.96 3.75
CA THR C 412 13.91 -13.61 2.62
C THR C 412 14.45 -13.07 1.30
N SER C 413 14.62 -11.75 1.21
CA SER C 413 15.12 -11.15 -0.03
C SER C 413 16.52 -11.65 -0.35
N LEU C 414 17.38 -11.75 0.67
CA LEU C 414 18.77 -12.12 0.43
C LEU C 414 18.92 -13.60 0.09
N VAL C 415 18.18 -14.47 0.79
CA VAL C 415 18.31 -15.91 0.57
C VAL C 415 17.80 -16.28 -0.82
N ASP C 416 16.74 -15.62 -1.29
CA ASP C 416 16.21 -15.94 -2.61
C ASP C 416 17.18 -15.61 -3.74
N LEU C 417 18.18 -14.76 -3.49
CA LEU C 417 19.20 -14.50 -4.50
C LEU C 417 20.21 -15.65 -4.59
N TYR C 418 20.61 -16.18 -3.44
CA TYR C 418 21.58 -17.27 -3.37
C TYR C 418 20.98 -18.46 -2.62
N PRO C 419 19.88 -19.02 -3.12
CA PRO C 419 19.31 -20.21 -2.47
C PRO C 419 20.20 -21.44 -2.54
N SER C 420 21.16 -21.46 -3.48
CA SER C 420 21.99 -22.65 -3.66
C SER C 420 22.87 -22.89 -2.44
N PHE C 421 23.32 -21.83 -1.76
CA PHE C 421 24.24 -21.95 -0.64
C PHE C 421 23.59 -21.61 0.70
N LEU C 422 22.85 -20.50 0.78
CA LEU C 422 22.26 -20.11 2.06
C LEU C 422 21.01 -20.92 2.37
N ARG C 423 20.09 -21.02 1.40
CA ARG C 423 18.86 -21.78 1.58
C ARG C 423 19.04 -23.26 1.28
N LYS C 424 20.27 -23.74 1.14
CA LYS C 424 20.52 -25.14 0.83
C LYS C 424 20.33 -26.05 2.02
N GLY C 425 20.17 -25.51 3.23
CA GLY C 425 20.00 -26.33 4.41
C GLY C 425 19.79 -25.53 5.67
N TYR C 426 20.42 -25.95 6.76
CA TYR C 426 20.30 -25.27 8.05
C TYR C 426 21.13 -23.99 8.12
N ARG C 427 21.91 -23.68 7.09
CA ARG C 427 22.74 -22.48 7.11
C ARG C 427 21.89 -21.21 7.22
N ARG C 428 20.60 -21.28 6.90
CA ARG C 428 19.74 -20.11 7.04
C ARG C 428 19.76 -19.58 8.47
N GLU C 429 19.78 -20.49 9.45
CA GLU C 429 19.87 -20.06 10.84
C GLU C 429 21.18 -19.32 11.10
N ILE C 430 22.28 -19.82 10.53
CA ILE C 430 23.56 -19.13 10.66
C ILE C 430 23.51 -17.77 9.98
N PHE C 431 22.86 -17.71 8.81
CA PHE C 431 22.78 -16.44 8.08
C PHE C 431 22.03 -15.39 8.89
N ILE C 432 20.94 -15.78 9.55
CA ILE C 432 20.18 -14.84 10.37
C ILE C 432 21.06 -14.28 11.48
N ALA C 433 21.82 -15.15 12.14
CA ALA C 433 22.73 -14.67 13.17
C ALA C 433 23.78 -13.72 12.59
N PHE C 434 24.30 -14.03 11.41
CA PHE C 434 25.28 -13.15 10.78
C PHE C 434 24.67 -11.79 10.47
N VAL C 435 23.46 -11.76 9.93
CA VAL C 435 22.82 -10.49 9.60
C VAL C 435 22.64 -9.65 10.85
N CYS C 436 22.14 -10.27 11.93
CA CYS C 436 22.00 -9.56 13.19
C CYS C 436 23.34 -9.11 13.74
N SER C 437 24.36 -9.98 13.63
CA SER C 437 25.67 -9.65 14.20
C SER C 437 26.27 -8.43 13.51
N ILE C 438 26.33 -8.43 12.18
CA ILE C 438 26.91 -7.30 11.47
C ILE C 438 26.09 -6.04 11.71
N SER C 439 24.75 -6.17 11.72
CA SER C 439 23.91 -5.01 11.99
C SER C 439 24.18 -4.46 13.39
N TYR C 440 24.37 -5.34 14.37
CA TYR C 440 24.67 -4.88 15.72
C TYR C 440 25.98 -4.10 15.75
N LEU C 441 27.02 -4.61 15.08
CA LEU C 441 28.29 -3.91 15.05
C LEU C 441 28.16 -2.55 14.36
N LEU C 442 27.40 -2.49 13.26
CA LEU C 442 27.18 -1.22 12.59
C LEU C 442 26.43 -0.24 13.50
N GLY C 443 25.46 -0.75 14.26
CA GLY C 443 24.70 0.11 15.15
C GLY C 443 25.51 0.68 16.30
N LEU C 444 26.65 0.06 16.62
CA LEU C 444 27.49 0.59 17.70
C LEU C 444 27.98 1.99 17.39
N THR C 445 28.09 2.35 16.11
CA THR C 445 28.56 3.69 15.76
C THR C 445 27.60 4.77 16.26
N MET C 446 26.31 4.44 16.36
CA MET C 446 25.30 5.38 16.80
C MET C 446 25.01 5.29 18.30
N VAL C 447 25.74 4.45 19.02
CA VAL C 447 25.58 4.34 20.47
C VAL C 447 26.61 5.19 21.22
N THR C 448 27.74 5.52 20.59
CA THR C 448 28.76 6.31 21.24
C THR C 448 28.20 7.69 21.62
N GLU C 449 29.02 8.44 22.37
CA GLU C 449 28.59 9.76 22.83
C GLU C 449 28.21 10.65 21.65
N GLY C 450 28.88 10.50 20.52
CA GLY C 450 28.57 11.28 19.33
C GLY C 450 27.67 10.55 18.35
N GLY C 451 26.96 9.51 18.85
CA GLY C 451 26.14 8.69 17.98
C GLY C 451 24.92 9.38 17.42
N MET C 452 24.42 10.42 18.11
CA MET C 452 23.25 11.13 17.61
C MET C 452 23.52 11.71 16.23
N TYR C 453 24.67 12.36 16.04
CA TYR C 453 24.98 12.93 14.74
C TYR C 453 25.01 11.86 13.66
N VAL C 454 25.51 10.66 13.99
CA VAL C 454 25.45 9.56 13.03
C VAL C 454 24.01 9.13 12.80
N PHE C 455 23.22 9.04 13.87
CA PHE C 455 21.82 8.65 13.72
C PHE C 455 21.05 9.66 12.88
N GLN C 456 21.26 10.95 13.14
CA GLN C 456 20.62 11.99 12.33
C GLN C 456 21.05 11.87 10.87
N LEU C 457 22.35 11.68 10.64
CA LEU C 457 22.85 11.54 9.27
C LEU C 457 22.22 10.33 8.59
N PHE C 458 22.13 9.20 9.30
CA PHE C 458 21.55 8.00 8.71
C PHE C 458 20.08 8.21 8.36
N ASP C 459 19.31 8.77 9.29
CA ASP C 459 17.88 8.95 9.06
C ASP C 459 17.63 9.85 7.86
N TYR C 460 18.35 10.96 7.76
CA TYR C 460 18.13 11.90 6.67
C TYR C 460 18.44 11.27 5.32
N TYR C 461 19.54 10.53 5.23
CA TYR C 461 20.06 10.02 3.96
C TYR C 461 19.91 8.52 3.78
N ALA C 462 20.17 7.73 4.81
CA ALA C 462 20.34 6.28 4.61
C ALA C 462 19.09 5.65 4.02
N ALA C 463 17.93 5.91 4.63
CA ALA C 463 16.68 5.28 4.21
C ALA C 463 15.57 6.30 4.04
N SER C 464 15.92 7.54 3.70
CA SER C 464 14.91 8.57 3.49
C SER C 464 15.53 9.71 2.68
N GLY C 465 14.67 10.56 2.15
CA GLY C 465 15.12 11.72 1.38
C GLY C 465 15.09 11.45 -0.11
N VAL C 466 16.18 11.81 -0.79
CA VAL C 466 16.23 11.69 -2.25
C VAL C 466 16.13 10.23 -2.67
N CYS C 467 16.72 9.33 -1.89
CA CYS C 467 16.78 7.93 -2.30
C CYS C 467 15.38 7.35 -2.54
N LEU C 468 14.43 7.66 -1.65
CA LEU C 468 13.06 7.19 -1.86
C LEU C 468 12.45 7.80 -3.11
N LEU C 469 12.70 9.10 -3.34
CA LEU C 469 12.21 9.72 -4.57
C LEU C 469 12.81 9.05 -5.80
N TRP C 470 14.11 8.74 -5.76
CA TRP C 470 14.75 8.04 -6.87
C TRP C 470 14.03 6.73 -7.18
N VAL C 471 13.79 5.91 -6.16
CA VAL C 471 13.10 4.64 -6.38
C VAL C 471 11.69 4.89 -6.88
N ALA C 472 10.97 5.81 -6.24
CA ALA C 472 9.57 6.04 -6.59
C ALA C 472 9.43 6.49 -8.04
N PHE C 473 10.30 7.39 -8.49
CA PHE C 473 10.20 7.90 -9.85
C PHE C 473 10.32 6.78 -10.88
N PHE C 474 11.35 5.95 -10.75
CA PHE C 474 11.56 4.87 -11.72
C PHE C 474 10.44 3.84 -11.68
N GLU C 475 9.96 3.51 -10.47
CA GLU C 475 8.88 2.54 -10.36
C GLU C 475 7.67 2.96 -11.20
N CYS C 476 7.24 4.21 -11.05
CA CYS C 476 6.13 4.72 -11.85
C CYS C 476 6.52 4.85 -13.31
N PHE C 477 7.71 5.42 -13.57
CA PHE C 477 8.15 5.64 -14.95
C PHE C 477 8.21 4.33 -15.73
N VAL C 478 8.84 3.31 -15.15
CA VAL C 478 9.00 2.04 -15.85
C VAL C 478 7.63 1.46 -16.21
N ILE C 479 6.73 1.39 -15.22
CA ILE C 479 5.41 0.82 -15.47
C ILE C 479 4.61 1.73 -16.39
N ALA C 480 4.60 3.03 -16.11
CA ALA C 480 3.75 3.96 -16.86
C ALA C 480 4.15 4.02 -18.33
N TRP C 481 5.45 4.17 -18.60
CA TRP C 481 5.95 4.42 -19.94
C TRP C 481 6.69 3.24 -20.55
N ILE C 482 7.64 2.64 -19.83
CA ILE C 482 8.44 1.56 -20.40
C ILE C 482 7.60 0.29 -20.54
N TYR C 483 7.11 -0.23 -19.42
CA TYR C 483 6.21 -1.38 -19.47
C TYR C 483 4.90 -1.03 -20.16
N GLY C 484 4.38 0.17 -19.92
CA GLY C 484 3.14 0.62 -20.52
C GLY C 484 1.98 0.62 -19.55
N GLY C 485 1.34 1.78 -19.39
CA GLY C 485 0.22 1.86 -18.46
C GLY C 485 -0.93 0.96 -18.84
N ASN C 486 -1.21 0.86 -20.14
CA ASN C 486 -2.32 0.02 -20.60
C ASN C 486 -2.10 -1.43 -20.19
N ARG C 487 -0.89 -1.95 -20.36
CA ARG C 487 -0.60 -3.32 -19.97
C ARG C 487 -0.79 -3.50 -18.47
N PHE C 488 -0.32 -2.54 -17.67
CA PHE C 488 -0.48 -2.64 -16.22
C PHE C 488 -1.95 -2.65 -15.83
N SER C 489 -2.74 -1.73 -16.38
CA SER C 489 -4.18 -1.73 -16.14
C SER C 489 -4.78 -3.06 -16.58
N GLU C 490 -4.34 -3.57 -17.72
CA GLU C 490 -4.81 -4.86 -18.23
C GLU C 490 -4.54 -5.97 -17.21
N ASP C 491 -3.33 -6.00 -16.65
CA ASP C 491 -3.00 -7.00 -15.64
C ASP C 491 -3.93 -6.88 -14.43
N ILE C 492 -4.11 -5.67 -13.92
CA ILE C 492 -4.90 -5.47 -12.71
C ILE C 492 -6.35 -5.90 -12.95
N ARG C 493 -6.86 -5.65 -14.15
CA ARG C 493 -8.17 -6.18 -14.53
C ARG C 493 -8.23 -7.68 -14.29
N ASP C 494 -7.24 -8.42 -14.80
CA ASP C 494 -7.22 -9.87 -14.63
C ASP C 494 -7.13 -10.24 -13.15
N MET C 495 -6.31 -9.51 -12.38
CA MET C 495 -6.09 -9.87 -10.98
C MET C 495 -7.30 -9.55 -10.12
N ILE C 496 -7.71 -8.28 -10.10
CA ILE C 496 -8.75 -7.82 -9.18
C ILE C 496 -10.06 -7.50 -9.87
N GLY C 497 -10.12 -7.55 -11.20
CA GLY C 497 -11.36 -7.50 -11.94
C GLY C 497 -11.73 -6.14 -12.50
N PHE C 498 -11.13 -5.06 -12.00
CA PHE C 498 -11.46 -3.72 -12.47
C PHE C 498 -10.18 -2.91 -12.63
N PRO C 499 -10.17 -1.95 -13.56
CA PRO C 499 -8.95 -1.19 -13.84
C PRO C 499 -8.65 -0.19 -12.74
N PRO C 500 -7.42 0.32 -12.69
CA PRO C 500 -7.08 1.29 -11.63
C PRO C 500 -7.95 2.54 -11.65
N GLY C 501 -8.38 2.99 -12.83
CA GLY C 501 -9.13 4.22 -12.95
C GLY C 501 -8.24 5.40 -13.24
N PRO C 502 -8.85 6.54 -13.60
CA PRO C 502 -8.05 7.70 -14.00
C PRO C 502 -7.11 8.21 -12.91
N TRP C 503 -7.52 8.14 -11.65
CA TRP C 503 -6.68 8.67 -10.58
C TRP C 503 -5.36 7.91 -10.51
N MET C 504 -5.40 6.58 -10.53
CA MET C 504 -4.18 5.79 -10.49
C MET C 504 -3.40 5.92 -11.79
N LYS C 505 -4.08 5.86 -12.94
CA LYS C 505 -3.39 5.86 -14.22
C LYS C 505 -2.59 7.14 -14.42
N TYR C 506 -3.20 8.29 -14.14
CA TYR C 506 -2.51 9.56 -14.35
C TYR C 506 -1.47 9.83 -13.26
N SER C 507 -1.71 9.36 -12.04
CA SER C 507 -0.75 9.60 -10.96
C SER C 507 0.60 8.96 -11.28
N TRP C 508 0.59 7.70 -11.72
CA TRP C 508 1.83 7.04 -12.10
C TRP C 508 2.46 7.72 -13.31
N ALA C 509 1.63 8.05 -14.31
CA ALA C 509 2.15 8.58 -15.57
C ALA C 509 2.72 9.98 -15.39
N VAL C 510 1.99 10.85 -14.69
CA VAL C 510 2.31 12.28 -14.70
C VAL C 510 2.64 12.78 -13.29
N ILE C 511 1.69 12.65 -12.36
CA ILE C 511 1.81 13.34 -11.08
C ILE C 511 3.04 12.85 -10.32
N THR C 512 3.18 11.52 -10.16
CA THR C 512 4.28 11.01 -9.36
C THR C 512 5.64 11.32 -9.98
N PRO C 513 5.88 11.06 -11.27
CA PRO C 513 7.19 11.45 -11.83
C PRO C 513 7.48 12.93 -11.70
N VAL C 514 6.47 13.79 -11.91
CA VAL C 514 6.70 15.23 -11.84
C VAL C 514 7.08 15.64 -10.42
N LEU C 515 6.31 15.19 -9.43
CA LEU C 515 6.56 15.57 -8.06
C LEU C 515 7.96 15.12 -7.61
N CYS C 516 8.31 13.86 -7.87
CA CYS C 516 9.62 13.37 -7.50
C CYS C 516 10.72 14.16 -8.20
N VAL C 517 10.59 14.34 -9.51
CA VAL C 517 11.59 15.10 -10.27
C VAL C 517 11.64 16.55 -9.77
N GLY C 518 10.47 17.17 -9.61
CA GLY C 518 10.45 18.56 -9.19
C GLY C 518 11.15 18.79 -7.86
N CYS C 519 10.87 17.94 -6.88
CA CYS C 519 11.51 18.07 -5.57
C CYS C 519 13.02 17.91 -5.70
N PHE C 520 13.47 16.91 -6.45
CA PHE C 520 14.89 16.66 -6.59
C PHE C 520 15.61 17.88 -7.17
N ILE C 521 15.11 18.39 -8.30
CA ILE C 521 15.70 19.59 -8.89
C ILE C 521 15.57 20.76 -7.94
N PHE C 522 14.41 20.99 -7.34
CA PHE C 522 14.20 22.13 -6.46
C PHE C 522 15.17 22.07 -5.29
N SER C 523 15.48 20.87 -4.78
CA SER C 523 16.47 20.76 -3.72
C SER C 523 17.85 21.20 -4.21
N LEU C 524 18.29 20.64 -5.33
CA LEU C 524 19.64 20.93 -5.83
C LEU C 524 19.81 22.42 -6.13
N VAL C 525 18.81 23.01 -6.79
CA VAL C 525 18.89 24.44 -7.11
C VAL C 525 18.99 25.27 -5.84
N LYS C 526 18.17 24.93 -4.83
CA LYS C 526 18.14 25.63 -3.55
C LYS C 526 18.75 24.80 -2.43
N TYR C 527 19.84 24.09 -2.72
CA TYR C 527 20.46 23.18 -1.76
C TYR C 527 20.82 23.91 -0.46
N VAL C 528 20.49 23.27 0.66
CA VAL C 528 20.89 23.74 1.98
C VAL C 528 21.40 22.54 2.77
N PRO C 529 22.56 22.63 3.43
CA PRO C 529 23.12 21.44 4.08
C PRO C 529 22.33 21.02 5.31
N LEU C 530 22.48 19.74 5.65
CA LEU C 530 21.85 19.19 6.84
C LEU C 530 22.46 19.79 8.10
N THR C 531 21.63 19.95 9.13
CA THR C 531 22.08 20.45 10.42
C THR C 531 21.35 19.72 11.53
N TYR C 532 22.11 19.17 12.48
CA TYR C 532 21.52 18.59 13.68
C TYR C 532 20.83 19.68 14.50
N ASN C 533 19.62 19.39 14.96
CA ASN C 533 18.80 20.37 15.67
C ASN C 533 18.63 21.55 14.72
N LYS C 534 19.00 22.78 15.09
CA LYS C 534 18.93 23.92 14.20
C LYS C 534 20.16 24.80 14.27
N THR C 535 21.22 24.37 14.96
CA THR C 535 22.39 25.21 15.20
C THR C 535 23.68 24.50 14.83
N TYR C 536 23.71 23.18 14.93
CA TYR C 536 24.91 22.41 14.65
C TYR C 536 25.04 22.18 13.15
N VAL C 537 26.17 22.60 12.58
CA VAL C 537 26.46 22.40 11.16
C VAL C 537 27.38 21.20 11.02
N TYR C 538 26.98 20.25 10.18
CA TYR C 538 27.82 19.09 9.93
C TYR C 538 29.06 19.50 9.13
N PRO C 539 30.19 18.82 9.33
CA PRO C 539 31.36 19.09 8.50
C PRO C 539 31.17 18.58 7.07
N ASN C 540 32.05 19.05 6.19
CA ASN C 540 31.94 18.67 4.78
C ASN C 540 32.07 17.17 4.60
N TRP C 541 33.00 16.53 5.32
CA TRP C 541 33.17 15.09 5.18
C TRP C 541 31.93 14.34 5.64
N ALA C 542 31.28 14.83 6.70
CA ALA C 542 30.07 14.18 7.17
C ALA C 542 28.97 14.22 6.12
N ILE C 543 28.82 15.36 5.43
CA ILE C 543 27.82 15.47 4.38
C ILE C 543 28.12 14.48 3.26
N GLY C 544 29.39 14.36 2.88
CA GLY C 544 29.76 13.39 1.86
C GLY C 544 29.43 11.98 2.27
N LEU C 545 29.66 11.64 3.54
CA LEU C 545 29.30 10.32 4.02
C LEU C 545 27.79 10.09 3.92
N GLY C 546 27.00 11.09 4.27
CA GLY C 546 25.55 10.96 4.14
C GLY C 546 25.11 10.71 2.72
N TRP C 547 25.68 11.47 1.77
CA TRP C 547 25.35 11.25 0.37
C TRP C 547 25.78 9.87 -0.10
N SER C 548 26.85 9.33 0.48
CA SER C 548 27.27 7.98 0.12
C SER C 548 26.20 6.95 0.47
N LEU C 549 25.57 7.11 1.64
CA LEU C 549 24.50 6.19 2.03
C LEU C 549 23.34 6.28 1.05
N ALA C 550 22.94 7.50 0.69
CA ALA C 550 21.86 7.67 -0.28
C ALA C 550 22.26 7.15 -1.65
N LEU C 551 23.48 7.46 -2.09
CA LEU C 551 23.95 6.99 -3.39
C LEU C 551 24.12 5.48 -3.42
N SER C 552 24.30 4.84 -2.27
CA SER C 552 24.44 3.38 -2.24
C SER C 552 23.20 2.70 -2.83
N SER C 553 22.03 3.33 -2.69
CA SER C 553 20.79 2.77 -3.24
C SER C 553 20.49 3.30 -4.63
N MET C 554 20.70 4.60 -4.87
CA MET C 554 20.45 5.17 -6.17
C MET C 554 21.35 4.55 -7.24
N LEU C 555 22.62 4.34 -6.91
CA LEU C 555 23.57 3.81 -7.89
C LEU C 555 23.25 2.38 -8.29
N CYS C 556 22.36 1.70 -7.57
CA CYS C 556 21.98 0.34 -7.95
C CYS C 556 21.40 0.31 -9.37
N VAL C 557 20.44 1.18 -9.65
CA VAL C 557 19.70 1.13 -10.92
C VAL C 557 20.67 1.34 -12.08
N PRO C 558 21.46 2.41 -12.10
CA PRO C 558 22.43 2.57 -13.21
C PRO C 558 23.43 1.42 -13.29
N LEU C 559 23.93 0.94 -12.15
CA LEU C 559 24.92 -0.13 -12.17
C LEU C 559 24.34 -1.40 -12.77
N VAL C 560 23.13 -1.77 -12.37
CA VAL C 560 22.51 -2.97 -12.92
C VAL C 560 22.29 -2.81 -14.42
N ILE C 561 21.85 -1.63 -14.85
CA ILE C 561 21.54 -1.42 -16.26
C ILE C 561 22.76 -1.67 -17.13
N VAL C 562 23.91 -1.10 -16.73
CA VAL C 562 25.13 -1.28 -17.51
C VAL C 562 25.61 -2.72 -17.44
N ILE C 563 25.48 -3.35 -16.27
CA ILE C 563 25.94 -4.73 -16.10
C ILE C 563 25.18 -5.65 -17.06
N ARG C 564 23.85 -5.49 -17.12
CA ARG C 564 23.04 -6.37 -17.97
C ARG C 564 23.19 -5.99 -19.44
N LEU C 565 23.45 -4.72 -19.76
CA LEU C 565 23.74 -4.36 -21.14
C LEU C 565 25.05 -4.98 -21.61
N CYS C 566 26.00 -5.18 -20.69
CA CYS C 566 27.26 -5.83 -21.01
C CYS C 566 27.15 -7.35 -20.97
N GLN C 567 26.32 -7.88 -20.07
CA GLN C 567 26.17 -9.32 -19.90
C GLN C 567 25.22 -9.94 -20.92
N THR C 568 24.84 -9.21 -21.96
CA THR C 568 23.90 -9.69 -22.96
C THR C 568 24.57 -9.70 -24.33
N GLU C 569 24.23 -10.71 -25.13
CA GLU C 569 24.83 -10.88 -26.44
C GLU C 569 24.06 -10.09 -27.49
N GLY C 570 24.71 -9.87 -28.63
CA GLY C 570 24.10 -9.23 -29.76
C GLY C 570 24.40 -7.74 -29.82
N PRO C 571 23.98 -7.08 -30.89
CA PRO C 571 24.17 -5.62 -30.99
C PRO C 571 23.49 -4.87 -29.86
N PHE C 572 23.83 -3.59 -29.70
CA PHE C 572 23.28 -2.79 -28.61
C PHE C 572 21.75 -2.81 -28.63
N LEU C 573 21.15 -2.33 -29.72
CA LEU C 573 19.70 -2.23 -29.79
C LEU C 573 19.04 -3.56 -29.46
N VAL C 574 19.61 -4.67 -29.94
CA VAL C 574 19.07 -5.98 -29.60
C VAL C 574 19.07 -6.18 -28.09
N ARG C 575 20.17 -5.81 -27.44
CA ARG C 575 20.25 -5.93 -25.98
C ARG C 575 19.21 -5.06 -25.29
N VAL C 576 19.02 -3.83 -25.77
CA VAL C 576 18.01 -2.95 -25.18
C VAL C 576 16.62 -3.54 -25.37
N LYS C 577 16.29 -3.92 -26.61
CA LYS C 577 14.99 -4.50 -26.89
C LYS C 577 14.78 -5.78 -26.09
N TYR C 578 15.82 -6.61 -25.99
CA TYR C 578 15.70 -7.86 -25.25
C TYR C 578 15.42 -7.60 -23.77
N LEU C 579 16.14 -6.65 -23.17
CA LEU C 579 16.01 -6.40 -21.74
C LEU C 579 14.84 -5.47 -21.41
N LEU C 580 14.28 -4.77 -22.39
CA LEU C 580 13.05 -4.02 -22.15
C LEU C 580 11.82 -4.93 -22.17
N THR C 581 11.85 -5.97 -22.98
CA THR C 581 10.72 -6.90 -23.04
C THR C 581 10.64 -7.69 -21.74
N PRO C 582 9.45 -7.82 -21.15
CA PRO C 582 9.34 -8.51 -19.86
C PRO C 582 9.67 -9.99 -19.97
N ARG C 583 9.52 -10.68 -18.84
CA ARG C 583 9.68 -12.13 -18.80
C ARG C 583 11.07 -12.54 -19.22
N GLU C 584 12.08 -12.07 -18.49
CA GLU C 584 13.46 -12.45 -18.76
C GLU C 584 14.22 -12.65 -17.45
#